data_3TM4
#
_entry.id   3TM4
#
_cell.length_a   82.080
_cell.length_b   45.170
_cell.length_c   121.430
_cell.angle_alpha   90.00
_cell.angle_beta   91.79
_cell.angle_gamma   90.00
#
_symmetry.space_group_name_H-M   'P 1 21 1'
#
loop_
_entity.id
_entity.type
_entity.pdbx_description
1 polymer 'tRNA (guanine N2-)-methyltransferase Trm14'
2 non-polymer S-ADENOSYLMETHIONINE
3 water water
#
_entity_poly.entity_id   1
_entity_poly.type   'polypeptide(L)'
_entity_poly.pdbx_seq_one_letter_code
;MKFLLTTAQGIEDIAKREVSLLLKKLGISFQIEEKPLGIEGRLLLEAEKAYYVDEKGRKRELSISTYLNENSRLLHRVII
EIASEKFNGIEKDESEEALKRIKDFVSSLPVEQFVKVSETFAVRSFRKGDHNITSIDIARTVGEAIFERLSRFGTPLVNL
DHPAVIFRAELIKDVFFLGIDTTGDSSLHKRPWRVYDHPAHLKASIANAMIELAELDGGSVLDPMCGSGTILIELALRRY
SGEIIGIEKYRKHLIGAEMNALAAGVLDKIKFIQGDATQLSQYVDSVDFAISNLPYGLKIGKKSMIPDLYMKFFNELAKV
LEKRGVFITTEKKAIEEAIAENGFEIIHHRVIGHGGLMVHLYVVKLEHHHHHH
;
_entity_poly.pdbx_strand_id   A,B
#
loop_
_chem_comp.id
_chem_comp.type
_chem_comp.name
_chem_comp.formula
SAM non-polymer S-ADENOSYLMETHIONINE 'C15 H22 N6 O5 S'
#
# COMPACT_ATOMS: atom_id res chain seq x y z
N MET A 1 8.24 2.96 -37.27
CA MET A 1 8.44 2.71 -35.83
C MET A 1 7.09 2.28 -35.25
N LYS A 2 7.17 1.34 -34.32
CA LYS A 2 5.97 0.87 -33.59
C LYS A 2 6.06 1.31 -32.15
N PHE A 3 4.93 1.72 -31.58
CA PHE A 3 4.87 2.15 -30.20
C PHE A 3 3.71 1.42 -29.53
N LEU A 4 3.93 1.01 -28.28
CA LEU A 4 2.84 0.64 -27.43
C LEU A 4 2.47 1.88 -26.58
N LEU A 5 1.20 2.28 -26.66
CA LEU A 5 0.66 3.42 -25.92
C LEU A 5 -0.33 2.91 -24.87
N THR A 6 -0.04 3.16 -23.61
CA THR A 6 -0.90 2.63 -22.59
C THR A 6 -1.89 3.69 -22.11
N THR A 7 -2.98 3.24 -21.51
CA THR A 7 -4.00 4.18 -20.99
C THR A 7 -4.91 3.36 -20.09
N ALA A 8 -5.98 3.96 -19.57
CA ALA A 8 -6.85 3.19 -18.68
C ALA A 8 -7.64 2.21 -19.51
N GLN A 9 -7.88 1.02 -18.93
CA GLN A 9 -8.78 0.07 -19.58
C GLN A 9 -10.12 0.73 -19.82
N GLY A 10 -10.62 0.63 -21.05
CA GLY A 10 -11.95 1.12 -21.34
C GLY A 10 -12.02 2.47 -22.00
N ILE A 11 -10.90 3.18 -22.12
CA ILE A 11 -10.90 4.47 -22.82
C ILE A 11 -9.96 4.44 -24.06
N GLU A 12 -9.69 3.24 -24.59
CA GLU A 12 -8.71 3.13 -25.70
C GLU A 12 -9.12 3.96 -26.90
N ASP A 13 -10.40 3.95 -27.19
CA ASP A 13 -10.91 4.66 -28.37
C ASP A 13 -10.76 6.18 -28.27
N ILE A 14 -10.87 6.69 -27.04
CA ILE A 14 -10.81 8.13 -26.77
C ILE A 14 -9.35 8.54 -26.87
N ALA A 15 -8.48 7.67 -26.37
CA ALA A 15 -7.02 7.90 -26.49
C ALA A 15 -6.56 7.83 -27.95
N LYS A 16 -7.02 6.83 -28.70
CA LYS A 16 -6.69 6.75 -30.12
C LYS A 16 -7.04 8.07 -30.86
N ARG A 17 -8.25 8.55 -30.62
CA ARG A 17 -8.73 9.78 -31.22
C ARG A 17 -7.84 10.96 -30.88
N GLU A 18 -7.47 11.08 -29.61
CA GLU A 18 -6.54 12.16 -29.23
C GLU A 18 -5.15 12.06 -29.89
N VAL A 19 -4.56 10.88 -29.82
CA VAL A 19 -3.30 10.63 -30.49
C VAL A 19 -3.38 10.90 -32.01
N SER A 20 -4.48 10.48 -32.63
CA SER A 20 -4.66 10.67 -34.08
CA SER A 20 -4.67 10.66 -34.06
C SER A 20 -4.62 12.17 -34.44
N LEU A 21 -5.40 12.97 -33.72
CA LEU A 21 -5.40 14.43 -33.95
C LEU A 21 -4.04 15.03 -33.68
N LEU A 22 -3.35 14.54 -32.65
CA LEU A 22 -2.01 15.06 -32.37
C LEU A 22 -1.02 14.76 -33.52
N LEU A 23 -1.03 13.51 -33.99
CA LEU A 23 -0.11 13.10 -35.05
C LEU A 23 -0.48 13.72 -36.41
N LYS A 24 -1.77 13.82 -36.70
CA LYS A 24 -2.17 14.58 -37.89
C LYS A 24 -1.58 15.98 -37.99
N LYS A 25 -1.37 16.64 -36.85
CA LYS A 25 -0.68 17.95 -36.81
C LYS A 25 0.78 17.88 -37.24
N LEU A 26 1.39 16.71 -37.07
CA LEU A 26 2.75 16.51 -37.51
C LEU A 26 2.85 16.30 -39.02
N GLY A 27 1.75 15.87 -39.62
CA GLY A 27 1.74 15.57 -41.04
C GLY A 27 2.23 14.18 -41.43
N ILE A 28 2.41 13.29 -40.45
CA ILE A 28 2.87 11.94 -40.77
C ILE A 28 1.73 10.94 -40.98
N SER A 29 2.04 9.87 -41.72
CA SER A 29 1.15 8.74 -41.89
C SER A 29 1.27 7.78 -40.70
N PHE A 30 0.15 7.17 -40.34
CA PHE A 30 0.15 6.31 -39.18
C PHE A 30 -1.14 5.50 -39.13
N GLN A 31 -1.08 4.38 -38.40
CA GLN A 31 -2.28 3.58 -38.11
C GLN A 31 -2.26 3.30 -36.63
N ILE A 32 -3.44 3.25 -36.00
CA ILE A 32 -3.53 2.92 -34.56
C ILE A 32 -4.50 1.78 -34.33
N GLU A 33 -4.01 0.71 -33.71
CA GLU A 33 -4.89 -0.42 -33.37
C GLU A 33 -5.26 -0.37 -31.88
N GLU A 34 -6.56 -0.37 -31.60
CA GLU A 34 -7.02 -0.50 -30.22
C GLU A 34 -6.85 -1.91 -29.72
N LYS A 35 -6.33 -2.06 -28.50
CA LYS A 35 -6.27 -3.36 -27.82
C LYS A 35 -5.51 -4.41 -28.64
N PRO A 36 -4.26 -4.12 -29.00
CA PRO A 36 -3.48 -5.11 -29.76
C PRO A 36 -3.43 -6.45 -29.01
N LEU A 37 -3.59 -7.55 -29.75
CA LEU A 37 -3.65 -8.90 -29.16
C LEU A 37 -4.69 -9.06 -28.05
N GLY A 38 -5.74 -8.24 -28.10
CA GLY A 38 -6.84 -8.38 -27.15
C GLY A 38 -6.64 -7.69 -25.81
N ILE A 39 -5.53 -6.98 -25.65
CA ILE A 39 -5.16 -6.49 -24.31
C ILE A 39 -5.74 -5.09 -24.08
N GLU A 40 -6.60 -4.98 -23.07
CA GLU A 40 -7.20 -3.71 -22.67
C GLU A 40 -6.16 -2.71 -22.16
N GLY A 41 -6.43 -1.43 -22.37
CA GLY A 41 -5.55 -0.39 -21.83
C GLY A 41 -4.32 -0.16 -22.69
N ARG A 42 -4.41 -0.63 -23.93
CA ARG A 42 -3.29 -0.52 -24.87
C ARG A 42 -3.72 -0.10 -26.27
N LEU A 43 -2.83 0.61 -26.97
CA LEU A 43 -2.97 0.88 -28.39
C LEU A 43 -1.64 0.44 -28.99
N LEU A 44 -1.67 -0.01 -30.22
CA LEU A 44 -0.43 -0.17 -30.99
C LEU A 44 -0.37 0.86 -32.10
N LEU A 45 0.59 1.79 -31.99
CA LEU A 45 0.75 2.86 -32.99
C LEU A 45 1.84 2.43 -33.97
N GLU A 46 1.51 2.37 -35.26
CA GLU A 46 2.52 2.22 -36.33
C GLU A 46 2.58 3.52 -37.13
N ALA A 47 3.74 4.18 -37.14
CA ALA A 47 3.93 5.53 -37.69
C ALA A 47 5.10 5.53 -38.66
N GLU A 48 5.07 6.33 -39.73
CA GLU A 48 6.31 6.79 -40.39
C GLU A 48 7.17 7.53 -39.40
N LYS A 49 8.49 7.44 -39.57
CA LYS A 49 9.40 8.37 -38.91
C LYS A 49 9.11 9.83 -39.31
N ALA A 50 9.39 10.73 -38.36
CA ALA A 50 9.06 12.14 -38.50
C ALA A 50 10.35 12.89 -38.86
N TYR A 51 10.51 13.18 -40.14
CA TYR A 51 11.73 13.84 -40.64
C TYR A 51 11.50 15.31 -40.96
N TYR A 52 12.49 16.15 -40.67
CA TYR A 52 12.52 17.51 -41.20
C TYR A 52 13.93 17.90 -41.67
N VAL A 53 14.05 19.10 -42.25
CA VAL A 53 15.36 19.57 -42.70
C VAL A 53 15.85 20.62 -41.74
N ASP A 54 17.02 20.39 -41.17
CA ASP A 54 17.44 21.21 -40.05
C ASP A 54 18.29 22.39 -40.54
N GLU A 55 18.92 23.10 -39.60
CA GLU A 55 19.65 24.32 -39.92
C GLU A 55 20.91 24.11 -40.76
N LYS A 56 21.32 22.85 -40.93
CA LYS A 56 22.47 22.48 -41.76
C LYS A 56 22.02 22.02 -43.14
N GLY A 57 20.73 22.09 -43.43
CA GLY A 57 20.17 21.48 -44.65
C GLY A 57 20.26 19.96 -44.67
N ARG A 58 20.30 19.36 -43.48
CA ARG A 58 20.34 17.90 -43.36
C ARG A 58 18.99 17.36 -42.85
N LYS A 59 18.60 16.19 -43.34
CA LYS A 59 17.49 15.47 -42.78
C LYS A 59 17.72 15.21 -41.28
N ARG A 60 16.68 15.42 -40.48
CA ARG A 60 16.81 15.26 -39.03
C ARG A 60 15.50 14.67 -38.50
N GLU A 61 15.56 13.85 -37.48
CA GLU A 61 14.39 13.11 -37.01
C GLU A 61 13.73 13.82 -35.82
N LEU A 62 12.43 14.03 -35.90
CA LEU A 62 11.65 14.48 -34.74
C LEU A 62 11.24 13.27 -33.88
N SER A 63 11.32 13.41 -32.56
CA SER A 63 10.92 12.35 -31.65
C SER A 63 9.40 12.33 -31.51
N ILE A 64 8.76 11.34 -32.12
CA ILE A 64 7.36 11.02 -31.86
C ILE A 64 7.04 10.74 -30.37
N SER A 65 7.93 10.05 -29.69
CA SER A 65 7.62 9.73 -28.29
C SER A 65 7.61 10.96 -27.40
N THR A 66 8.55 11.88 -27.63
CA THR A 66 8.58 13.13 -26.84
C THR A 66 7.37 13.98 -27.16
N TYR A 67 7.06 14.14 -28.43
CA TYR A 67 5.87 14.84 -28.80
C TYR A 67 4.63 14.31 -28.05
N LEU A 68 4.48 12.98 -27.99
CA LEU A 68 3.29 12.42 -27.35
C LEU A 68 3.34 12.49 -25.82
N ASN A 69 4.51 12.28 -25.23
CA ASN A 69 4.68 12.42 -23.80
C ASN A 69 4.30 13.85 -23.39
N GLU A 70 4.76 14.81 -24.19
CA GLU A 70 4.51 16.23 -23.86
C GLU A 70 3.07 16.69 -24.02
N ASN A 71 2.33 16.10 -24.94
CA ASN A 71 1.06 16.65 -25.35
C ASN A 71 -0.16 15.82 -25.00
N SER A 72 0.03 14.53 -24.69
CA SER A 72 -1.15 13.68 -24.46
C SER A 72 -1.71 13.88 -23.06
N ARG A 73 -3.02 13.92 -22.95
CA ARG A 73 -3.61 13.94 -21.62
CA ARG A 73 -3.69 13.97 -21.65
C ARG A 73 -4.28 12.63 -21.24
N LEU A 74 -4.33 11.69 -22.19
CA LEU A 74 -5.09 10.46 -21.99
C LEU A 74 -4.16 9.26 -21.78
N LEU A 75 -2.94 9.34 -22.30
CA LEU A 75 -1.98 8.24 -22.23
C LEU A 75 -1.34 8.18 -20.85
N HIS A 76 -0.93 6.98 -20.49
CA HIS A 76 -0.11 6.72 -19.30
C HIS A 76 1.41 6.62 -19.64
N ARG A 77 1.74 5.79 -20.63
CA ARG A 77 3.13 5.59 -21.04
C ARG A 77 3.21 5.48 -22.54
N VAL A 78 4.34 5.91 -23.09
CA VAL A 78 4.64 5.77 -24.50
C VAL A 78 5.92 4.90 -24.58
N ILE A 79 5.77 3.72 -25.17
CA ILE A 79 6.85 2.71 -25.16
C ILE A 79 7.22 2.35 -26.61
N ILE A 80 8.49 2.42 -26.98
CA ILE A 80 8.86 2.03 -28.31
C ILE A 80 8.80 0.49 -28.33
N GLU A 81 8.09 -0.10 -29.28
CA GLU A 81 7.91 -1.57 -29.24
C GLU A 81 9.14 -2.28 -29.82
N ILE A 82 9.71 -3.20 -29.05
CA ILE A 82 10.67 -4.16 -29.60
C ILE A 82 9.96 -5.42 -30.10
N ALA A 83 9.17 -6.04 -29.23
CA ALA A 83 8.30 -7.14 -29.70
C ALA A 83 7.08 -7.37 -28.80
N SER A 84 5.95 -7.75 -29.39
CA SER A 84 4.76 -8.20 -28.68
C SER A 84 4.43 -9.55 -29.27
N GLU A 85 4.13 -10.53 -28.41
CA GLU A 85 3.78 -11.87 -28.90
C GLU A 85 2.86 -12.57 -27.94
N LYS A 86 2.01 -13.45 -28.47
CA LYS A 86 1.24 -14.38 -27.63
C LYS A 86 2.08 -15.61 -27.22
N PHE A 87 2.24 -15.86 -25.93
CA PHE A 87 2.90 -17.08 -25.48
C PHE A 87 1.79 -18.06 -25.10
N ASN A 88 1.16 -18.65 -26.11
CA ASN A 88 -0.04 -19.47 -25.87
C ASN A 88 0.25 -20.46 -24.75
N GLY A 89 -0.64 -20.50 -23.77
CA GLY A 89 -0.53 -21.42 -22.66
C GLY A 89 0.43 -21.07 -21.55
N ILE A 90 1.04 -19.89 -21.58
CA ILE A 90 2.09 -19.61 -20.60
C ILE A 90 1.56 -19.44 -19.16
N GLU A 91 0.27 -19.16 -19.00
CA GLU A 91 -0.33 -19.04 -17.67
C GLU A 91 -0.27 -20.39 -16.93
N LYS A 92 -0.39 -21.48 -17.70
CA LYS A 92 -0.42 -22.83 -17.12
C LYS A 92 0.96 -23.45 -16.96
N ASP A 93 1.97 -22.89 -17.63
CA ASP A 93 3.31 -23.49 -17.62
C ASP A 93 3.84 -23.45 -16.21
N GLU A 94 4.60 -24.48 -15.84
CA GLU A 94 5.38 -24.44 -14.61
CA GLU A 94 5.39 -24.46 -14.62
C GLU A 94 6.38 -23.29 -14.66
N SER A 95 6.75 -22.81 -13.48
CA SER A 95 7.67 -21.69 -13.35
C SER A 95 8.92 -21.79 -14.24
N GLU A 96 9.61 -22.94 -14.17
CA GLU A 96 10.85 -23.14 -14.94
C GLU A 96 10.63 -23.01 -16.45
N GLU A 97 9.56 -23.62 -16.95
CA GLU A 97 9.27 -23.59 -18.37
C GLU A 97 8.86 -22.18 -18.86
N ALA A 98 7.95 -21.53 -18.13
CA ALA A 98 7.52 -20.17 -18.47
C ALA A 98 8.71 -19.20 -18.62
N LEU A 99 9.59 -19.17 -17.62
CA LEU A 99 10.78 -18.34 -17.69
C LEU A 99 11.68 -18.73 -18.86
N LYS A 100 11.73 -20.02 -19.19
CA LYS A 100 12.59 -20.43 -20.29
C LYS A 100 12.11 -19.80 -21.60
N ARG A 101 10.79 -19.81 -21.78
CA ARG A 101 10.15 -19.31 -22.98
C ARG A 101 10.48 -17.82 -23.13
N ILE A 102 10.40 -17.13 -22.00
CA ILE A 102 10.64 -15.71 -21.97
C ILE A 102 12.11 -15.41 -22.25
N LYS A 103 13.01 -16.09 -21.55
CA LYS A 103 14.45 -15.92 -21.80
C LYS A 103 14.83 -16.21 -23.25
N ASP A 104 14.38 -17.34 -23.78
CA ASP A 104 14.69 -17.68 -25.17
C ASP A 104 14.16 -16.64 -26.15
N PHE A 105 12.93 -16.19 -25.92
CA PHE A 105 12.35 -15.19 -26.81
C PHE A 105 13.19 -13.91 -26.77
N VAL A 106 13.48 -13.43 -25.58
CA VAL A 106 14.18 -12.15 -25.44
C VAL A 106 15.60 -12.24 -26.02
N SER A 107 16.20 -13.43 -25.92
CA SER A 107 17.57 -13.64 -26.36
C SER A 107 17.67 -13.48 -27.85
N SER A 108 16.53 -13.66 -28.51
CA SER A 108 16.50 -13.62 -29.97
C SER A 108 16.25 -12.21 -30.48
N LEU A 109 15.93 -11.27 -29.59
CA LEU A 109 15.55 -9.94 -30.07
C LEU A 109 16.80 -9.07 -30.22
N PRO A 110 16.83 -8.22 -31.24
CA PRO A 110 17.98 -7.36 -31.51
C PRO A 110 18.02 -6.11 -30.59
N VAL A 111 18.12 -6.36 -29.28
CA VAL A 111 18.11 -5.33 -28.27
C VAL A 111 19.30 -4.35 -28.44
N GLU A 112 20.43 -4.85 -28.91
CA GLU A 112 21.59 -3.99 -29.18
C GLU A 112 21.28 -2.90 -30.21
N GLN A 113 20.20 -3.04 -30.96
CA GLN A 113 19.72 -1.92 -31.79
C GLN A 113 18.83 -0.85 -31.10
N PHE A 114 18.69 -0.88 -29.78
CA PHE A 114 17.77 0.02 -29.06
C PHE A 114 18.47 0.54 -27.81
N VAL A 115 19.79 0.52 -27.84
CA VAL A 115 20.55 1.09 -26.76
C VAL A 115 21.95 1.23 -27.31
N LYS A 116 22.60 2.35 -27.03
CA LYS A 116 24.04 2.43 -27.25
C LYS A 116 24.64 1.73 -26.06
N VAL A 117 25.12 0.50 -26.25
CA VAL A 117 25.61 -0.27 -25.11
C VAL A 117 26.72 0.40 -24.24
N SER A 118 27.14 1.62 -24.60
CA SER A 118 27.73 2.53 -23.61
C SER A 118 26.74 2.98 -22.51
N GLU A 119 25.48 3.21 -22.88
CA GLU A 119 24.42 3.63 -21.96
C GLU A 119 24.06 2.58 -20.90
N THR A 120 23.65 3.04 -19.72
CA THR A 120 23.20 2.15 -18.67
C THR A 120 21.73 1.78 -18.91
N PHE A 121 21.34 0.59 -18.48
CA PHE A 121 19.95 0.18 -18.62
C PHE A 121 19.43 -0.48 -17.36
N ALA A 122 18.11 -0.55 -17.25
CA ALA A 122 17.47 -1.36 -16.25
C ALA A 122 16.23 -1.96 -16.90
N VAL A 123 15.63 -2.97 -16.25
CA VAL A 123 14.38 -3.60 -16.70
C VAL A 123 13.29 -3.35 -15.68
N ARG A 124 12.18 -2.75 -16.11
CA ARG A 124 11.00 -2.67 -15.29
C ARG A 124 10.01 -3.71 -15.81
N SER A 125 9.34 -4.40 -14.89
CA SER A 125 8.35 -5.41 -15.29
C SER A 125 6.96 -5.06 -14.78
N PHE A 126 5.95 -5.56 -15.49
CA PHE A 126 4.57 -5.49 -15.05
C PHE A 126 3.95 -6.83 -15.41
N ARG A 127 3.25 -7.44 -14.44
CA ARG A 127 2.60 -8.72 -14.66
C ARG A 127 1.15 -8.66 -14.22
N LYS A 128 0.25 -9.25 -15.00
CA LYS A 128 -1.15 -9.34 -14.62
C LYS A 128 -1.77 -10.65 -15.11
N GLY A 129 -2.41 -11.38 -14.20
CA GLY A 129 -3.08 -12.64 -14.56
C GLY A 129 -2.80 -13.74 -13.57
N ASP A 130 -3.08 -14.98 -13.96
CA ASP A 130 -2.70 -16.13 -13.13
CA ASP A 130 -2.75 -16.15 -13.16
C ASP A 130 -1.52 -16.88 -13.73
N HIS A 131 -0.32 -16.52 -13.29
CA HIS A 131 0.91 -17.18 -13.73
C HIS A 131 1.51 -17.97 -12.57
N ASN A 132 2.44 -18.87 -12.88
CA ASN A 132 3.30 -19.47 -11.86
C ASN A 132 4.62 -18.71 -11.68
N ILE A 133 4.65 -17.46 -12.12
CA ILE A 133 5.84 -16.62 -11.98
C ILE A 133 5.42 -15.22 -11.51
N THR A 134 6.37 -14.43 -11.01
CA THR A 134 6.08 -13.10 -10.52
C THR A 134 6.71 -12.00 -11.38
N SER A 135 6.34 -10.76 -11.11
CA SER A 135 7.04 -9.58 -11.64
C SER A 135 8.55 -9.65 -11.49
N ILE A 136 8.99 -10.01 -10.28
CA ILE A 136 10.40 -10.15 -9.99
C ILE A 136 11.07 -11.18 -10.89
N ASP A 137 10.46 -12.36 -10.99
CA ASP A 137 10.94 -13.42 -11.88
C ASP A 137 11.16 -12.89 -13.31
N ILE A 138 10.12 -12.26 -13.84
CA ILE A 138 10.16 -11.68 -15.19
C ILE A 138 11.28 -10.66 -15.37
N ALA A 139 11.37 -9.68 -14.47
CA ALA A 139 12.43 -8.69 -14.54
C ALA A 139 13.84 -9.31 -14.45
N ARG A 140 13.99 -10.36 -13.66
CA ARG A 140 15.30 -11.02 -13.54
C ARG A 140 15.68 -11.72 -14.83
N THR A 141 14.77 -12.57 -15.31
CA THR A 141 15.01 -13.37 -16.52
C THR A 141 15.23 -12.49 -17.73
N VAL A 142 14.34 -11.51 -17.93
CA VAL A 142 14.53 -10.55 -19.01
C VAL A 142 15.82 -9.78 -18.84
N GLY A 143 16.05 -9.28 -17.63
CA GLY A 143 17.31 -8.60 -17.35
C GLY A 143 18.52 -9.44 -17.71
N GLU A 144 18.43 -10.76 -17.47
CA GLU A 144 19.58 -11.66 -17.66
C GLU A 144 19.78 -11.80 -19.16
N ALA A 145 18.68 -12.08 -19.86
CA ALA A 145 18.72 -12.27 -21.29
C ALA A 145 19.30 -11.07 -22.04
N ILE A 146 18.91 -9.86 -21.61
CA ILE A 146 19.39 -8.64 -22.24
C ILE A 146 20.85 -8.37 -21.89
N PHE A 147 21.27 -8.64 -20.66
CA PHE A 147 22.69 -8.43 -20.32
C PHE A 147 23.58 -9.34 -21.14
N GLU A 148 23.18 -10.61 -21.23
CA GLU A 148 23.93 -11.63 -21.97
C GLU A 148 24.03 -11.29 -23.45
N ARG A 149 22.91 -10.92 -24.06
CA ARG A 149 22.94 -10.52 -25.45
C ARG A 149 23.78 -9.28 -25.69
N LEU A 150 23.65 -8.28 -24.82
CA LEU A 150 24.40 -7.02 -24.98
C LEU A 150 25.93 -7.27 -24.82
N SER A 151 26.27 -8.27 -24.02
CA SER A 151 27.66 -8.59 -23.73
C SER A 151 28.35 -9.17 -24.95
N ARG A 152 27.56 -9.64 -25.91
CA ARG A 152 28.10 -10.09 -27.19
C ARG A 152 28.64 -8.96 -28.06
N PHE A 153 28.38 -7.71 -27.66
CA PHE A 153 28.66 -6.55 -28.50
C PHE A 153 29.50 -5.49 -27.79
N GLY A 154 29.87 -5.72 -26.53
CA GLY A 154 30.45 -4.66 -25.72
C GLY A 154 30.34 -4.93 -24.24
N THR A 155 30.63 -3.91 -23.43
CA THR A 155 30.47 -4.04 -21.99
C THR A 155 29.27 -3.25 -21.48
N PRO A 156 28.20 -3.96 -21.09
CA PRO A 156 26.95 -3.30 -20.75
C PRO A 156 26.92 -2.95 -19.25
N LEU A 157 26.45 -1.75 -18.90
CA LEU A 157 26.17 -1.49 -17.50
C LEU A 157 24.73 -1.21 -17.09
N VAL A 158 24.25 -2.09 -16.21
CA VAL A 158 23.08 -1.85 -15.39
C VAL A 158 23.24 -0.59 -14.51
N ASN A 159 22.14 0.12 -14.33
CA ASN A 159 21.95 1.03 -13.21
C ASN A 159 20.46 1.04 -12.89
N LEU A 160 20.11 0.38 -11.79
CA LEU A 160 18.71 0.10 -11.46
C LEU A 160 17.87 1.36 -11.20
N ASP A 161 18.54 2.44 -10.78
CA ASP A 161 17.86 3.61 -10.24
C ASP A 161 17.81 4.75 -11.25
N HIS A 162 18.94 5.01 -11.89
CA HIS A 162 19.02 6.08 -12.88
C HIS A 162 19.49 5.56 -14.22
N PRO A 163 18.82 4.52 -14.75
CA PRO A 163 19.19 4.00 -16.07
C PRO A 163 19.02 5.06 -17.13
N ALA A 164 19.87 5.03 -18.15
CA ALA A 164 19.66 5.89 -19.30
C ALA A 164 18.52 5.35 -20.17
N VAL A 165 18.36 4.02 -20.15
CA VAL A 165 17.37 3.32 -20.96
C VAL A 165 16.61 2.33 -20.08
N ILE A 166 15.27 2.46 -20.05
CA ILE A 166 14.41 1.47 -19.38
C ILE A 166 13.75 0.55 -20.41
N PHE A 167 14.05 -0.74 -20.28
CA PHE A 167 13.37 -1.77 -21.01
C PHE A 167 12.16 -2.12 -20.15
N ARG A 168 10.97 -2.01 -20.71
CA ARG A 168 9.80 -2.45 -19.97
CA ARG A 168 9.78 -2.44 -19.99
C ARG A 168 9.28 -3.77 -20.54
N ALA A 169 9.17 -4.76 -19.67
CA ALA A 169 8.64 -6.08 -20.02
C ALA A 169 7.31 -6.28 -19.30
N GLU A 170 6.26 -6.63 -20.04
CA GLU A 170 4.95 -6.80 -19.45
C GLU A 170 4.44 -8.13 -19.87
N LEU A 171 3.86 -8.86 -18.92
CA LEU A 171 3.16 -10.10 -19.24
C LEU A 171 1.74 -9.99 -18.71
N ILE A 172 0.78 -9.97 -19.62
CA ILE A 172 -0.62 -9.84 -19.25
C ILE A 172 -1.36 -10.98 -19.89
N LYS A 173 -1.97 -11.82 -19.05
CA LYS A 173 -2.49 -13.11 -19.51
C LYS A 173 -1.44 -13.87 -20.35
N ASP A 174 -1.77 -14.13 -21.61
CA ASP A 174 -0.90 -14.92 -22.49
C ASP A 174 0.06 -14.02 -23.29
N VAL A 175 0.00 -12.71 -23.04
CA VAL A 175 0.67 -11.77 -23.93
C VAL A 175 1.93 -11.19 -23.35
N PHE A 176 3.03 -11.31 -24.09
CA PHE A 176 4.28 -10.76 -23.64
C PHE A 176 4.70 -9.56 -24.50
N PHE A 177 5.20 -8.53 -23.84
CA PHE A 177 5.66 -7.35 -24.54
C PHE A 177 7.03 -6.92 -24.02
N LEU A 178 7.90 -6.49 -24.93
CA LEU A 178 9.13 -5.84 -24.53
C LEU A 178 9.31 -4.56 -25.33
N GLY A 179 9.73 -3.51 -24.65
CA GLY A 179 9.85 -2.22 -25.31
C GLY A 179 10.75 -1.29 -24.53
N ILE A 180 10.98 -0.12 -25.09
CA ILE A 180 11.73 0.96 -24.41
C ILE A 180 10.74 1.99 -23.88
N ASP A 181 10.73 2.16 -22.57
CA ASP A 181 9.75 3.05 -21.97
C ASP A 181 10.34 4.47 -22.04
N THR A 182 9.80 5.31 -22.91
CA THR A 182 10.35 6.66 -23.08
C THR A 182 9.77 7.59 -22.02
N THR A 183 8.74 7.12 -21.32
CA THR A 183 8.03 7.98 -20.39
C THR A 183 8.79 8.08 -19.06
N GLY A 184 9.37 6.98 -18.60
CA GLY A 184 10.24 7.03 -17.41
C GLY A 184 9.49 6.47 -16.23
N ASP A 185 9.95 6.77 -15.01
CA ASP A 185 9.38 6.06 -13.87
C ASP A 185 8.02 6.59 -13.40
N SER A 186 7.73 7.85 -13.68
CA SER A 186 6.38 8.39 -13.41
C SER A 186 5.49 8.38 -14.64
N SER A 187 4.35 7.71 -14.55
CA SER A 187 3.38 7.63 -15.65
C SER A 187 2.89 9.05 -15.95
N LEU A 188 2.37 9.29 -17.17
CA LEU A 188 1.92 10.62 -17.56
C LEU A 188 0.71 11.11 -16.77
N HIS A 189 -0.02 10.22 -16.11
CA HIS A 189 -1.17 10.68 -15.34
C HIS A 189 -0.79 11.31 -13.98
N LYS A 190 0.48 11.18 -13.57
CA LYS A 190 0.92 11.77 -12.31
C LYS A 190 0.99 13.29 -12.55
N ARG A 191 0.15 14.05 -11.87
CA ARG A 191 0.18 15.49 -12.09
C ARG A 191 1.01 16.18 -11.02
N PRO A 192 1.97 17.02 -11.43
CA PRO A 192 2.71 17.75 -10.40
C PRO A 192 1.84 18.75 -9.62
N TRP A 193 0.67 19.13 -10.14
CA TRP A 193 -0.22 20.01 -9.36
C TRP A 193 -0.93 19.30 -8.20
N ARG A 194 -0.85 17.97 -8.14
CA ARG A 194 -1.63 17.28 -7.15
C ARG A 194 -0.91 17.28 -5.78
N VAL A 195 -0.90 18.42 -5.11
CA VAL A 195 -0.34 18.52 -3.76
C VAL A 195 -1.25 17.94 -2.67
N TYR A 196 -2.57 17.94 -2.90
CA TYR A 196 -3.51 17.33 -1.99
C TYR A 196 -4.05 16.08 -2.62
N ASP A 197 -3.84 14.95 -1.93
CA ASP A 197 -4.13 13.64 -2.47
C ASP A 197 -5.42 13.13 -1.85
N HIS A 198 -6.53 13.31 -2.54
CA HIS A 198 -7.82 12.84 -2.04
C HIS A 198 -7.80 11.31 -2.14
N PRO A 199 -8.27 10.62 -1.08
CA PRO A 199 -8.11 9.16 -1.06
C PRO A 199 -8.97 8.47 -2.13
N ALA A 200 -9.96 9.15 -2.69
CA ALA A 200 -10.73 8.57 -3.84
C ALA A 200 -10.62 9.49 -5.08
N HIS A 201 -9.44 10.12 -5.25
CA HIS A 201 -9.20 10.96 -6.42
C HIS A 201 -9.27 10.21 -7.79
N LEU A 202 -9.71 10.92 -8.82
CA LEU A 202 -9.76 10.33 -10.14
C LEU A 202 -8.42 10.54 -10.86
N LYS A 203 -7.92 9.49 -11.50
CA LYS A 203 -6.72 9.59 -12.30
C LYS A 203 -6.96 10.62 -13.40
N ALA A 204 -5.95 11.42 -13.75
CA ALA A 204 -6.17 12.56 -14.63
C ALA A 204 -6.59 12.09 -16.03
N SER A 205 -6.11 10.91 -16.46
CA SER A 205 -6.38 10.45 -17.82
C SER A 205 -7.87 10.19 -17.96
N ILE A 206 -8.46 9.62 -16.92
CA ILE A 206 -9.87 9.29 -16.97
C ILE A 206 -10.69 10.60 -16.85
N ALA A 207 -10.20 11.57 -16.06
CA ALA A 207 -10.86 12.89 -16.03
C ALA A 207 -10.99 13.45 -17.44
N ASN A 208 -9.88 13.45 -18.18
CA ASN A 208 -9.90 13.92 -19.52
C ASN A 208 -10.81 13.12 -20.45
N ALA A 209 -10.84 11.81 -20.26
CA ALA A 209 -11.83 10.99 -20.97
C ALA A 209 -13.26 11.47 -20.75
N MET A 210 -13.60 11.80 -19.50
CA MET A 210 -14.96 12.23 -19.17
C MET A 210 -15.26 13.55 -19.86
N ILE A 211 -14.28 14.45 -19.84
CA ILE A 211 -14.38 15.72 -20.53
C ILE A 211 -14.62 15.50 -22.04
N GLU A 212 -13.83 14.63 -22.67
CA GLU A 212 -13.99 14.34 -24.13
C GLU A 212 -15.41 13.84 -24.41
N LEU A 213 -15.89 12.95 -23.54
CA LEU A 213 -17.22 12.34 -23.72
C LEU A 213 -18.36 13.33 -23.54
N ALA A 214 -18.12 14.41 -22.78
CA ALA A 214 -19.18 15.43 -22.60
C ALA A 214 -19.45 16.22 -23.90
N GLU A 215 -18.45 16.25 -24.80
CA GLU A 215 -18.51 17.06 -26.05
C GLU A 215 -18.85 18.53 -25.74
N LEU A 216 -17.96 19.19 -24.96
CA LEU A 216 -18.22 20.51 -24.44
C LEU A 216 -18.18 21.56 -25.55
N ASP A 217 -18.90 22.66 -25.35
CA ASP A 217 -19.07 23.63 -26.42
C ASP A 217 -18.91 25.06 -25.88
N GLY A 218 -18.22 25.18 -24.73
CA GLY A 218 -17.97 26.46 -24.09
C GLY A 218 -19.02 26.83 -23.07
N GLY A 219 -20.05 26.01 -22.95
CA GLY A 219 -21.09 26.23 -21.93
C GLY A 219 -20.52 25.97 -20.54
N SER A 220 -21.27 26.31 -19.50
CA SER A 220 -20.79 26.13 -18.10
C SER A 220 -20.74 24.67 -17.68
N VAL A 221 -19.74 24.37 -16.85
CA VAL A 221 -19.45 22.99 -16.46
C VAL A 221 -19.39 22.96 -14.96
N LEU A 222 -20.24 22.12 -14.36
CA LEU A 222 -20.24 21.94 -12.90
C LEU A 222 -19.77 20.54 -12.54
N ASP A 223 -18.87 20.41 -11.55
CA ASP A 223 -18.69 19.14 -10.86
C ASP A 223 -19.26 19.32 -9.46
N PRO A 224 -20.46 18.76 -9.20
CA PRO A 224 -21.17 19.08 -7.95
C PRO A 224 -20.73 18.25 -6.78
N MET A 225 -19.84 17.28 -7.00
CA MET A 225 -19.26 16.50 -5.92
C MET A 225 -17.77 16.38 -6.17
N CYS A 226 -17.07 17.51 -6.12
CA CYS A 226 -15.82 17.65 -6.86
C CYS A 226 -14.54 17.10 -6.18
N GLY A 227 -14.63 16.77 -4.90
CA GLY A 227 -13.45 16.38 -4.10
C GLY A 227 -12.31 17.36 -4.24
N SER A 228 -11.14 16.84 -4.60
CA SER A 228 -9.91 17.59 -4.76
C SER A 228 -9.78 18.34 -6.13
N GLY A 229 -10.82 18.28 -6.95
CA GLY A 229 -11.04 19.21 -8.09
C GLY A 229 -10.46 18.72 -9.43
N THR A 230 -9.96 17.48 -9.46
CA THR A 230 -9.28 16.92 -10.64
C THR A 230 -9.95 17.27 -11.97
N ILE A 231 -11.24 17.00 -12.08
CA ILE A 231 -11.95 17.18 -13.38
C ILE A 231 -11.93 18.65 -13.77
N LEU A 232 -12.13 19.55 -12.80
CA LEU A 232 -12.24 20.96 -13.11
C LEU A 232 -10.87 21.55 -13.40
N ILE A 233 -9.87 21.14 -12.63
CA ILE A 233 -8.46 21.56 -12.88
C ILE A 233 -7.95 21.09 -14.29
N GLU A 234 -8.16 19.83 -14.64
CA GLU A 234 -7.77 19.38 -15.97
C GLU A 234 -8.52 20.19 -17.05
N LEU A 235 -9.80 20.49 -16.80
CA LEU A 235 -10.55 21.33 -17.73
C LEU A 235 -9.98 22.75 -17.88
N ALA A 236 -9.64 23.38 -16.74
CA ALA A 236 -9.03 24.73 -16.82
C ALA A 236 -7.69 24.62 -17.49
N LEU A 237 -6.93 23.55 -17.25
CA LEU A 237 -5.63 23.43 -17.88
C LEU A 237 -5.74 23.22 -19.40
N ARG A 238 -6.87 22.71 -19.86
CA ARG A 238 -7.19 22.69 -21.31
C ARG A 238 -7.51 24.09 -21.87
N ARG A 239 -7.38 25.11 -21.03
CA ARG A 239 -7.77 26.50 -21.38
C ARG A 239 -9.21 26.58 -21.83
N TYR A 240 -10.08 25.85 -21.13
CA TYR A 240 -11.50 25.89 -21.47
C TYR A 240 -12.06 27.32 -21.46
N SER A 241 -12.83 27.68 -22.47
CA SER A 241 -13.35 29.04 -22.55
C SER A 241 -14.52 29.30 -21.60
N GLY A 242 -15.15 28.26 -21.09
CA GLY A 242 -16.41 28.49 -20.41
C GLY A 242 -16.27 28.56 -18.90
N GLU A 243 -17.36 28.92 -18.22
CA GLU A 243 -17.38 28.89 -16.77
C GLU A 243 -17.13 27.50 -16.21
N ILE A 244 -16.44 27.44 -15.06
CA ILE A 244 -16.16 26.17 -14.37
C ILE A 244 -16.46 26.32 -12.85
N ILE A 245 -17.29 25.41 -12.36
CA ILE A 245 -17.84 25.46 -10.97
C ILE A 245 -17.70 24.09 -10.33
N GLY A 246 -17.17 24.09 -9.10
CA GLY A 246 -17.09 22.89 -8.27
C GLY A 246 -17.84 23.10 -6.96
N ILE A 247 -18.58 22.07 -6.57
CA ILE A 247 -19.21 22.06 -5.25
C ILE A 247 -18.75 20.79 -4.56
N GLU A 248 -18.36 20.92 -3.28
CA GLU A 248 -17.94 19.78 -2.49
C GLU A 248 -18.45 19.95 -1.04
N LYS A 249 -18.84 18.83 -0.45
CA LYS A 249 -19.54 18.84 0.83
C LYS A 249 -18.56 19.11 1.99
N TYR A 250 -17.35 18.57 1.96
CA TYR A 250 -16.50 18.67 3.16
C TYR A 250 -15.39 19.67 2.95
N ARG A 251 -15.21 20.52 3.95
CA ARG A 251 -14.22 21.59 3.87
C ARG A 251 -12.86 21.16 3.56
N LYS A 252 -12.43 20.08 4.19
CA LYS A 252 -11.04 19.67 4.04
C LYS A 252 -10.76 19.43 2.54
N HIS A 253 -11.68 18.73 1.88
CA HIS A 253 -11.47 18.36 0.46
C HIS A 253 -11.59 19.59 -0.41
N LEU A 254 -12.52 20.50 -0.09
CA LEU A 254 -12.69 21.69 -0.90
C LEU A 254 -11.46 22.57 -0.84
N ILE A 255 -10.84 22.67 0.34
CA ILE A 255 -9.60 23.40 0.47
CA ILE A 255 -9.60 23.38 0.46
C ILE A 255 -8.49 22.63 -0.27
N GLY A 256 -8.53 21.31 -0.22
CA GLY A 256 -7.58 20.58 -1.03
C GLY A 256 -7.73 20.95 -2.52
N ALA A 257 -8.97 21.05 -3.00
CA ALA A 257 -9.17 21.41 -4.42
C ALA A 257 -8.62 22.80 -4.71
N GLU A 258 -8.90 23.76 -3.83
CA GLU A 258 -8.29 25.10 -4.00
C GLU A 258 -6.77 25.05 -4.07
N MET A 259 -6.15 24.31 -3.15
CA MET A 259 -4.69 24.22 -3.15
C MET A 259 -4.19 23.55 -4.45
N ASN A 260 -4.83 22.47 -4.87
CA ASN A 260 -4.45 21.84 -6.15
C ASN A 260 -4.59 22.84 -7.31
N ALA A 261 -5.68 23.61 -7.32
CA ALA A 261 -5.94 24.55 -8.43
C ALA A 261 -4.92 25.69 -8.43
N LEU A 262 -4.56 26.16 -7.23
CA LEU A 262 -3.44 27.11 -7.12
C LEU A 262 -2.14 26.49 -7.63
N ALA A 263 -1.83 25.27 -7.22
CA ALA A 263 -0.58 24.61 -7.69
C ALA A 263 -0.56 24.51 -9.20
N ALA A 264 -1.72 24.32 -9.81
CA ALA A 264 -1.81 24.22 -11.25
C ALA A 264 -1.85 25.57 -11.97
N GLY A 265 -1.96 26.67 -11.22
CA GLY A 265 -2.05 27.99 -11.83
C GLY A 265 -3.42 28.31 -12.38
N VAL A 266 -4.47 27.64 -11.88
CA VAL A 266 -5.82 27.92 -12.45
C VAL A 266 -6.85 28.26 -11.38
N LEU A 267 -6.40 28.70 -10.21
CA LEU A 267 -7.37 28.99 -9.16
C LEU A 267 -8.36 30.07 -9.60
N ASP A 268 -7.89 31.04 -10.40
CA ASP A 268 -8.72 32.12 -10.90
CA ASP A 268 -8.79 32.12 -10.81
C ASP A 268 -9.76 31.66 -11.91
N LYS A 269 -9.62 30.41 -12.39
CA LYS A 269 -10.50 29.90 -13.49
C LYS A 269 -11.75 29.17 -12.97
N ILE A 270 -11.75 28.84 -11.69
CA ILE A 270 -12.76 27.93 -11.15
C ILE A 270 -13.49 28.59 -9.98
N LYS A 271 -14.79 28.43 -9.91
CA LYS A 271 -15.56 28.83 -8.73
C LYS A 271 -15.77 27.61 -7.81
N PHE A 272 -15.24 27.67 -6.58
CA PHE A 272 -15.30 26.54 -5.66
C PHE A 272 -16.25 26.84 -4.51
N ILE A 273 -17.23 25.98 -4.30
CA ILE A 273 -18.27 26.27 -3.33
C ILE A 273 -18.34 25.10 -2.37
N GLN A 274 -18.37 25.37 -1.07
CA GLN A 274 -18.66 24.28 -0.13
C GLN A 274 -20.16 24.12 -0.08
N GLY A 275 -20.67 22.91 -0.32
CA GLY A 275 -22.12 22.78 -0.37
C GLY A 275 -22.57 21.35 -0.53
N ASP A 276 -23.89 21.18 -0.49
CA ASP A 276 -24.52 19.88 -0.55
C ASP A 276 -25.20 19.67 -1.92
N ALA A 277 -24.76 18.64 -2.63
CA ALA A 277 -25.30 18.40 -3.96
C ALA A 277 -26.76 17.91 -3.92
N THR A 278 -27.24 17.44 -2.77
CA THR A 278 -28.66 17.07 -2.70
C THR A 278 -29.50 18.33 -2.59
N GLN A 279 -28.84 19.48 -2.58
CA GLN A 279 -29.49 20.77 -2.53
C GLN A 279 -29.09 21.63 -3.69
N LEU A 280 -28.66 21.00 -4.77
CA LEU A 280 -27.98 21.71 -5.84
C LEU A 280 -28.66 23.00 -6.28
N SER A 281 -30.00 22.99 -6.39
CA SER A 281 -30.69 24.16 -6.96
C SER A 281 -30.61 25.43 -6.12
N GLN A 282 -30.09 25.31 -4.91
CA GLN A 282 -29.84 26.50 -4.08
C GLN A 282 -28.58 27.22 -4.48
N TYR A 283 -27.65 26.49 -5.08
CA TYR A 283 -26.34 27.07 -5.37
C TYR A 283 -26.28 27.52 -6.81
N VAL A 284 -27.02 26.87 -7.69
CA VAL A 284 -27.08 27.32 -9.09
C VAL A 284 -28.51 27.21 -9.61
N ASP A 285 -28.82 28.02 -10.62
CA ASP A 285 -30.08 27.91 -11.32
C ASP A 285 -29.98 27.11 -12.61
N SER A 286 -28.85 27.21 -13.29
CA SER A 286 -28.77 26.65 -14.63
C SER A 286 -27.29 26.38 -14.92
N VAL A 287 -26.95 25.14 -15.28
CA VAL A 287 -25.62 24.81 -15.82
C VAL A 287 -25.77 23.93 -17.10
N ASP A 288 -24.85 24.11 -18.02
CA ASP A 288 -24.91 23.39 -19.28
C ASP A 288 -24.51 21.94 -19.13
N PHE A 289 -23.46 21.68 -18.33
CA PHE A 289 -22.87 20.36 -18.22
C PHE A 289 -22.62 20.07 -16.77
N ALA A 290 -22.76 18.80 -16.41
CA ALA A 290 -22.29 18.30 -15.09
C ALA A 290 -21.38 17.10 -15.31
N ILE A 291 -20.22 17.08 -14.65
CA ILE A 291 -19.27 15.98 -14.86
C ILE A 291 -18.73 15.65 -13.46
N SER A 292 -18.90 14.41 -13.03
CA SER A 292 -18.52 14.06 -11.62
C SER A 292 -18.14 12.60 -11.48
N ASN A 293 -17.15 12.37 -10.61
CA ASN A 293 -16.79 11.05 -10.11
C ASN A 293 -17.51 10.90 -8.74
N LEU A 294 -18.64 10.21 -8.77
CA LEU A 294 -19.55 10.19 -7.64
C LEU A 294 -18.99 9.28 -6.53
N PRO A 295 -19.38 9.54 -5.29
CA PRO A 295 -18.89 8.59 -4.26
C PRO A 295 -19.42 7.17 -4.45
N TYR A 296 -18.51 6.20 -4.28
CA TYR A 296 -18.83 4.80 -4.52
C TYR A 296 -19.30 4.09 -3.25
N GLY A 297 -19.24 4.77 -2.11
CA GLY A 297 -19.71 4.17 -0.85
C GLY A 297 -18.90 2.94 -0.43
N SER A 304 -25.88 0.82 2.08
CA SER A 304 -26.89 1.71 1.51
C SER A 304 -26.41 3.16 1.56
N MET A 305 -27.32 4.06 1.86
CA MET A 305 -27.05 5.52 1.78
C MET A 305 -26.72 6.04 0.36
N ILE A 306 -25.99 5.28 -0.44
CA ILE A 306 -25.75 5.65 -1.85
C ILE A 306 -27.06 5.79 -2.63
N PRO A 307 -27.99 4.80 -2.55
CA PRO A 307 -29.19 4.90 -3.40
C PRO A 307 -29.93 6.19 -3.13
N ASP A 308 -29.99 6.59 -1.88
CA ASP A 308 -30.72 7.81 -1.52
C ASP A 308 -29.92 9.09 -1.89
N LEU A 309 -28.61 9.04 -1.73
CA LEU A 309 -27.78 10.19 -2.13
C LEU A 309 -27.99 10.46 -3.66
N TYR A 310 -27.97 9.40 -4.45
CA TYR A 310 -28.09 9.54 -5.92
C TYR A 310 -29.50 9.96 -6.34
N MET A 311 -30.49 9.39 -5.67
CA MET A 311 -31.88 9.79 -5.93
C MET A 311 -32.10 11.29 -5.72
N LYS A 312 -31.66 11.82 -4.60
CA LYS A 312 -31.87 13.23 -4.34
C LYS A 312 -31.02 14.11 -5.29
N PHE A 313 -29.81 13.66 -5.58
CA PHE A 313 -28.91 14.47 -6.42
C PHE A 313 -29.51 14.60 -7.84
N PHE A 314 -29.94 13.48 -8.41
CA PHE A 314 -30.51 13.52 -9.76
C PHE A 314 -31.84 14.25 -9.83
N ASN A 315 -32.64 14.19 -8.76
CA ASN A 315 -33.80 15.11 -8.64
C ASN A 315 -33.40 16.59 -8.72
N GLU A 316 -32.35 17.01 -8.02
CA GLU A 316 -31.92 18.41 -8.15
C GLU A 316 -31.25 18.71 -9.50
N LEU A 317 -30.47 17.76 -10.01
CA LEU A 317 -29.77 18.01 -11.29
C LEU A 317 -30.80 18.27 -12.37
N ALA A 318 -31.93 17.55 -12.30
CA ALA A 318 -33.03 17.73 -13.27
C ALA A 318 -33.57 19.15 -13.35
N LYS A 319 -33.49 19.87 -12.23
CA LYS A 319 -33.91 21.28 -12.20
C LYS A 319 -32.96 22.27 -12.87
N VAL A 320 -31.68 21.90 -13.01
CA VAL A 320 -30.68 22.90 -13.43
C VAL A 320 -29.92 22.54 -14.75
N LEU A 321 -29.85 21.26 -15.10
CA LEU A 321 -29.01 20.85 -16.23
C LEU A 321 -29.66 21.21 -17.58
N GLU A 322 -28.90 21.85 -18.46
CA GLU A 322 -29.39 22.17 -19.83
C GLU A 322 -28.97 21.21 -20.91
N LYS A 323 -27.73 20.71 -20.86
CA LYS A 323 -27.28 19.79 -21.89
C LYS A 323 -26.98 18.37 -21.39
N ARG A 324 -25.73 18.07 -21.03
CA ARG A 324 -25.34 16.68 -20.78
C ARG A 324 -24.65 16.51 -19.46
N GLY A 325 -24.81 15.33 -18.85
CA GLY A 325 -24.03 15.00 -17.66
C GLY A 325 -23.21 13.76 -17.97
N VAL A 326 -22.04 13.69 -17.34
CA VAL A 326 -21.12 12.55 -17.53
C VAL A 326 -20.70 12.17 -16.09
N PHE A 327 -20.99 10.94 -15.71
CA PHE A 327 -20.82 10.46 -14.32
C PHE A 327 -20.13 9.10 -14.30
N ILE A 328 -19.28 8.90 -13.29
CA ILE A 328 -18.65 7.60 -13.07
C ILE A 328 -19.02 7.09 -11.67
N THR A 329 -19.31 5.80 -11.55
CA THR A 329 -19.59 5.23 -10.22
C THR A 329 -19.40 3.74 -10.25
N THR A 330 -19.18 3.14 -9.09
CA THR A 330 -19.25 1.67 -9.03
C THR A 330 -20.69 1.15 -8.86
N GLU A 331 -21.59 2.00 -8.42
CA GLU A 331 -22.91 1.57 -8.00
C GLU A 331 -23.92 1.66 -9.15
N LYS A 332 -23.87 0.63 -9.99
CA LYS A 332 -24.60 0.59 -11.24
C LYS A 332 -26.10 0.72 -10.98
N LYS A 333 -26.59 -0.07 -10.04
CA LYS A 333 -28.03 -0.10 -9.79
C LYS A 333 -28.54 1.18 -9.17
N ALA A 334 -27.80 1.74 -8.20
CA ALA A 334 -28.23 3.02 -7.61
C ALA A 334 -28.31 4.16 -8.64
N ILE A 335 -27.32 4.25 -9.52
CA ILE A 335 -27.34 5.40 -10.43
C ILE A 335 -28.42 5.15 -11.52
N GLU A 336 -28.53 3.91 -11.97
CA GLU A 336 -29.51 3.59 -13.01
C GLU A 336 -30.95 3.86 -12.58
N GLU A 337 -31.26 3.61 -11.30
CA GLU A 337 -32.56 3.95 -10.77
C GLU A 337 -32.76 5.45 -10.60
N ALA A 338 -31.74 6.14 -10.11
CA ALA A 338 -31.81 7.59 -9.96
C ALA A 338 -31.97 8.27 -11.33
N ILE A 339 -31.34 7.71 -12.36
CA ILE A 339 -31.48 8.29 -13.70
C ILE A 339 -32.92 8.11 -14.21
N ALA A 340 -33.41 6.88 -14.17
CA ALA A 340 -34.77 6.58 -14.68
C ALA A 340 -35.89 7.31 -13.91
N GLU A 341 -35.78 7.38 -12.58
CA GLU A 341 -36.85 8.04 -11.76
C GLU A 341 -36.91 9.53 -11.99
N ASN A 342 -35.80 10.13 -12.43
CA ASN A 342 -35.73 11.56 -12.45
C ASN A 342 -35.81 12.18 -13.85
N GLY A 343 -36.23 11.39 -14.83
CA GLY A 343 -36.51 11.94 -16.18
C GLY A 343 -35.28 11.98 -17.10
N PHE A 344 -34.24 11.23 -16.74
CA PHE A 344 -33.00 11.21 -17.51
C PHE A 344 -32.98 10.05 -18.47
N GLU A 345 -32.15 10.19 -19.49
CA GLU A 345 -31.92 9.18 -20.49
C GLU A 345 -30.40 8.91 -20.60
N ILE A 346 -30.01 7.64 -20.67
CA ILE A 346 -28.63 7.31 -20.90
C ILE A 346 -28.33 7.30 -22.39
N ILE A 347 -27.34 8.09 -22.82
CA ILE A 347 -26.98 8.16 -24.24
C ILE A 347 -25.61 7.54 -24.50
N HIS A 348 -24.90 7.16 -23.45
CA HIS A 348 -23.72 6.35 -23.61
C HIS A 348 -23.45 5.68 -22.29
N HIS A 349 -23.00 4.43 -22.35
CA HIS A 349 -22.47 3.79 -21.16
C HIS A 349 -21.22 3.02 -21.61
N ARG A 350 -20.23 2.96 -20.72
CA ARG A 350 -19.08 2.06 -20.89
C ARG A 350 -18.51 1.65 -19.52
N VAL A 351 -17.65 0.64 -19.49
CA VAL A 351 -16.95 0.25 -18.28
C VAL A 351 -15.48 0.60 -18.40
N ILE A 352 -14.94 1.14 -17.32
CA ILE A 352 -13.57 1.64 -17.26
C ILE A 352 -12.83 1.01 -16.08
N GLY A 353 -11.54 0.73 -16.25
CA GLY A 353 -10.76 0.20 -15.12
C GLY A 353 -10.10 1.35 -14.37
N HIS A 354 -10.44 1.52 -13.10
CA HIS A 354 -9.92 2.63 -12.27
C HIS A 354 -9.47 2.09 -10.92
N GLY A 355 -8.16 2.16 -10.68
CA GLY A 355 -7.59 1.71 -9.41
C GLY A 355 -8.01 0.29 -9.06
N GLY A 356 -7.90 -0.62 -10.03
CA GLY A 356 -8.26 -2.01 -9.84
C GLY A 356 -9.75 -2.27 -9.67
N LEU A 357 -10.58 -1.22 -9.74
CA LEU A 357 -12.04 -1.38 -9.78
C LEU A 357 -12.55 -1.29 -11.21
N MET A 358 -13.60 -2.04 -11.52
CA MET A 358 -14.46 -1.74 -12.66
C MET A 358 -15.42 -0.60 -12.30
N VAL A 359 -15.28 0.56 -12.93
CA VAL A 359 -16.30 1.60 -12.74
C VAL A 359 -17.19 1.79 -14.00
N HIS A 360 -18.41 2.27 -13.79
CA HIS A 360 -19.36 2.49 -14.89
C HIS A 360 -19.36 3.96 -15.20
N LEU A 361 -19.30 4.31 -16.48
CA LEU A 361 -19.42 5.69 -16.89
C LEU A 361 -20.76 5.84 -17.61
N TYR A 362 -21.49 6.90 -17.33
CA TYR A 362 -22.72 7.19 -18.08
C TYR A 362 -22.70 8.61 -18.62
N VAL A 363 -23.16 8.80 -19.86
CA VAL A 363 -23.47 10.16 -20.32
C VAL A 363 -24.99 10.21 -20.34
N VAL A 364 -25.54 11.26 -19.76
CA VAL A 364 -26.97 11.43 -19.66
C VAL A 364 -27.42 12.79 -20.20
N LYS A 365 -28.71 12.83 -20.53
CA LYS A 365 -29.44 14.08 -20.81
C LYS A 365 -30.85 13.91 -20.25
N LEU A 366 -31.57 15.03 -20.04
CA LEU A 366 -32.99 15.00 -19.73
C LEU A 366 -33.76 14.45 -20.91
N GLU A 367 -34.61 13.47 -20.63
CA GLU A 367 -35.52 12.86 -21.60
C GLU A 367 -36.32 13.87 -22.41
N HIS A 368 -36.83 14.93 -21.80
CA HIS A 368 -37.67 15.87 -22.56
C HIS A 368 -36.91 16.85 -23.48
N HIS A 369 -35.60 17.03 -23.27
CA HIS A 369 -34.84 17.92 -24.14
C HIS A 369 -34.62 17.26 -25.51
N HIS A 370 -34.89 18.02 -26.58
CA HIS A 370 -34.64 17.56 -27.95
C HIS A 370 -33.64 18.45 -28.70
N MET B 1 25.06 -16.11 25.21
CA MET B 1 24.55 -15.72 23.88
C MET B 1 23.75 -14.43 24.04
N LYS B 2 23.79 -13.60 23.02
CA LYS B 2 23.03 -12.37 23.01
C LYS B 2 22.05 -12.38 21.88
N PHE B 3 20.84 -11.92 22.18
CA PHE B 3 19.77 -11.86 21.20
C PHE B 3 19.21 -10.44 21.12
N LEU B 4 18.89 -9.99 19.91
CA LEU B 4 18.04 -8.81 19.76
C LEU B 4 16.62 -9.34 19.56
N LEU B 5 15.72 -8.95 20.46
CA LEU B 5 14.28 -9.30 20.38
C LEU B 5 13.49 -8.03 20.00
N THR B 6 12.78 -8.08 18.87
CA THR B 6 12.00 -6.93 18.41
C THR B 6 10.52 -7.08 18.79
N THR B 7 9.86 -5.94 18.94
CA THR B 7 8.44 -5.91 19.24
C THR B 7 7.92 -4.54 18.82
N ALA B 8 6.65 -4.24 19.13
CA ALA B 8 6.11 -2.94 18.75
C ALA B 8 6.82 -1.85 19.57
N GLN B 9 6.95 -0.64 19.00
CA GLN B 9 7.43 0.49 19.82
C GLN B 9 6.44 0.82 20.93
N GLY B 10 6.97 0.95 22.16
CA GLY B 10 6.21 1.30 23.34
C GLY B 10 5.66 0.14 24.14
N ILE B 11 5.93 -1.10 23.74
CA ILE B 11 5.53 -2.24 24.57
C ILE B 11 6.72 -3.11 25.01
N GLU B 12 7.92 -2.52 24.94
CA GLU B 12 9.14 -3.21 25.37
C GLU B 12 9.08 -3.80 26.79
N ASP B 13 8.56 -3.03 27.75
CA ASP B 13 8.47 -3.49 29.15
C ASP B 13 7.55 -4.71 29.28
N ILE B 14 6.52 -4.77 28.43
CA ILE B 14 5.55 -5.87 28.51
C ILE B 14 6.17 -7.12 27.90
N ALA B 15 6.80 -6.93 26.75
CA ALA B 15 7.51 -8.03 26.08
C ALA B 15 8.61 -8.56 26.99
N LYS B 16 9.32 -7.65 27.68
CA LYS B 16 10.38 -8.05 28.61
C LYS B 16 9.81 -8.95 29.71
N ARG B 17 8.63 -8.61 30.21
CA ARG B 17 8.01 -9.42 31.24
C ARG B 17 7.63 -10.80 30.71
N GLU B 18 7.10 -10.83 29.48
CA GLU B 18 6.68 -12.09 28.93
C GLU B 18 7.89 -13.01 28.74
N VAL B 19 8.98 -12.41 28.26
CA VAL B 19 10.15 -13.19 27.92
C VAL B 19 10.79 -13.68 29.19
N SER B 20 10.80 -12.85 30.22
CA SER B 20 11.37 -13.23 31.50
CA SER B 20 11.37 -13.23 31.50
C SER B 20 10.63 -14.44 32.07
N LEU B 21 9.30 -14.41 32.01
CA LEU B 21 8.49 -15.54 32.47
C LEU B 21 8.77 -16.83 31.73
N LEU B 22 8.90 -16.75 30.40
CA LEU B 22 9.15 -17.94 29.58
C LEU B 22 10.52 -18.54 29.89
N LEU B 23 11.52 -17.67 30.09
CA LEU B 23 12.91 -18.10 30.30
C LEU B 23 13.15 -18.64 31.70
N LYS B 24 12.49 -18.06 32.69
CA LYS B 24 12.47 -18.71 34.00
C LYS B 24 12.06 -20.19 33.98
N LYS B 25 11.11 -20.56 33.12
CA LYS B 25 10.72 -21.96 33.01
C LYS B 25 11.83 -22.85 32.49
N LEU B 26 12.77 -22.27 31.74
CA LEU B 26 13.93 -23.04 31.26
C LEU B 26 14.97 -23.25 32.35
N GLY B 27 14.84 -22.51 33.46
CA GLY B 27 15.84 -22.53 34.50
C GLY B 27 17.11 -21.72 34.25
N ILE B 28 17.24 -21.13 33.06
CA ILE B 28 18.50 -20.44 32.73
C ILE B 28 18.61 -19.04 33.35
N SER B 29 19.86 -18.59 33.48
CA SER B 29 20.16 -17.23 33.93
CA SER B 29 20.15 -17.23 33.92
C SER B 29 20.17 -16.27 32.73
N PHE B 30 19.72 -15.03 32.96
CA PHE B 30 19.57 -14.10 31.85
C PHE B 30 19.37 -12.71 32.38
N GLN B 31 19.62 -11.73 31.51
CA GLN B 31 19.32 -10.35 31.77
C GLN B 31 18.71 -9.76 30.50
N ILE B 32 17.72 -8.88 30.67
CA ILE B 32 17.05 -8.26 29.53
C ILE B 32 17.09 -6.75 29.69
N GLU B 33 17.70 -6.07 28.73
CA GLU B 33 17.69 -4.62 28.66
C GLU B 33 16.60 -4.10 27.72
N GLU B 34 15.76 -3.20 28.21
CA GLU B 34 14.88 -2.43 27.31
C GLU B 34 15.60 -1.39 26.49
N LYS B 35 15.22 -1.35 25.21
CA LYS B 35 15.65 -0.34 24.26
C LYS B 35 17.17 -0.17 24.33
N PRO B 36 17.94 -1.24 24.03
CA PRO B 36 19.40 -1.12 23.98
C PRO B 36 19.80 0.04 23.07
N LEU B 37 20.78 0.85 23.52
CA LEU B 37 21.29 1.97 22.72
C LEU B 37 20.22 3.02 22.41
N GLY B 38 19.19 3.05 23.25
CA GLY B 38 18.09 3.99 23.09
C GLY B 38 17.08 3.64 21.99
N ILE B 39 17.15 2.45 21.41
CA ILE B 39 16.33 2.19 20.22
C ILE B 39 15.03 1.49 20.61
N GLU B 40 13.90 2.08 20.20
CA GLU B 40 12.58 1.61 20.60
C GLU B 40 12.22 0.34 19.84
N GLY B 41 11.36 -0.51 20.42
CA GLY B 41 10.88 -1.67 19.69
C GLY B 41 11.92 -2.79 19.74
N ARG B 42 12.83 -2.68 20.69
CA ARG B 42 13.91 -3.66 20.88
C ARG B 42 14.17 -4.00 22.32
N LEU B 43 14.65 -5.24 22.52
CA LEU B 43 15.18 -5.69 23.79
C LEU B 43 16.50 -6.38 23.47
N LEU B 44 17.43 -6.35 24.42
CA LEU B 44 18.65 -7.16 24.29
C LEU B 44 18.68 -8.19 25.40
N LEU B 45 18.58 -9.47 25.01
CA LEU B 45 18.55 -10.55 25.95
C LEU B 45 19.99 -11.07 26.06
N GLU B 46 20.54 -11.12 27.26
CA GLU B 46 21.82 -11.81 27.48
C GLU B 46 21.50 -13.04 28.33
N ALA B 47 21.73 -14.24 27.79
CA ALA B 47 21.31 -15.49 28.45
C ALA B 47 22.50 -16.47 28.54
N GLU B 48 22.60 -17.24 29.62
CA GLU B 48 23.34 -18.53 29.62
C GLU B 48 22.88 -19.37 28.45
N LYS B 49 23.75 -20.23 27.93
CA LYS B 49 23.32 -21.26 27.01
C LYS B 49 22.44 -22.28 27.74
N ALA B 50 21.48 -22.88 27.03
CA ALA B 50 20.55 -23.83 27.66
C ALA B 50 21.00 -25.26 27.40
N TYR B 51 21.55 -25.89 28.42
CA TYR B 51 22.10 -27.25 28.28
C TYR B 51 21.24 -28.25 29.02
N TYR B 52 21.10 -29.45 28.44
CA TYR B 52 20.58 -30.58 29.18
C TYR B 52 21.45 -31.82 28.89
N VAL B 53 21.13 -32.92 29.54
CA VAL B 53 21.78 -34.20 29.25
C VAL B 53 20.78 -35.04 28.50
N ASP B 54 21.12 -35.38 27.27
CA ASP B 54 20.22 -36.10 26.42
C ASP B 54 20.22 -37.63 26.70
N GLU B 55 19.56 -38.36 25.81
CA GLU B 55 19.36 -39.82 25.93
C GLU B 55 20.66 -40.61 25.81
N LYS B 56 21.74 -39.98 25.32
CA LYS B 56 23.05 -40.63 25.21
C LYS B 56 23.88 -40.34 26.44
N GLY B 57 23.29 -39.60 27.37
CA GLY B 57 24.02 -39.15 28.55
C GLY B 57 25.02 -38.07 28.15
N ARG B 58 24.80 -37.46 26.99
CA ARG B 58 25.58 -36.29 26.59
C ARG B 58 24.89 -34.94 26.84
N LYS B 59 25.70 -33.92 27.13
CA LYS B 59 25.27 -32.53 27.12
C LYS B 59 24.78 -32.13 25.73
N ARG B 60 23.54 -31.67 25.66
CA ARG B 60 23.00 -31.09 24.42
C ARG B 60 22.46 -29.69 24.65
N GLU B 61 22.39 -28.92 23.57
CA GLU B 61 21.91 -27.55 23.66
C GLU B 61 20.45 -27.44 23.28
N LEU B 62 19.68 -26.74 24.09
CA LEU B 62 18.30 -26.41 23.76
C LEU B 62 18.28 -25.03 23.08
N SER B 63 17.66 -24.92 21.90
CA SER B 63 17.58 -23.63 21.18
C SER B 63 16.66 -22.63 21.89
N ILE B 64 17.26 -21.59 22.44
CA ILE B 64 16.52 -20.49 23.05
C ILE B 64 15.69 -19.72 22.01
N SER B 65 16.26 -19.44 20.85
CA SER B 65 15.51 -18.78 19.79
C SER B 65 14.25 -19.58 19.39
N THR B 66 14.40 -20.90 19.24
CA THR B 66 13.23 -21.72 18.87
C THR B 66 12.15 -21.65 19.91
N TYR B 67 12.56 -21.70 21.17
CA TYR B 67 11.63 -21.67 22.28
C TYR B 67 10.85 -20.34 22.28
N LEU B 68 11.59 -19.25 22.07
CA LEU B 68 10.96 -17.94 22.06
C LEU B 68 10.09 -17.72 20.80
N ASN B 69 10.54 -18.18 19.65
CA ASN B 69 9.73 -18.13 18.44
C ASN B 69 8.41 -18.91 18.60
N GLU B 70 8.45 -19.98 19.38
CA GLU B 70 7.27 -20.84 19.43
C GLU B 70 6.28 -20.35 20.48
N ASN B 71 6.76 -19.62 21.48
CA ASN B 71 5.95 -19.34 22.66
C ASN B 71 5.58 -17.90 22.90
N SER B 72 6.33 -16.95 22.31
CA SER B 72 6.07 -15.53 22.59
C SER B 72 4.87 -15.04 21.81
N ARG B 73 4.02 -14.24 22.46
CA ARG B 73 2.86 -13.60 21.81
C ARG B 73 3.09 -12.12 21.59
N LEU B 74 4.15 -11.58 22.20
CA LEU B 74 4.49 -10.16 22.06
C LEU B 74 5.64 -9.84 21.11
N LEU B 75 6.55 -10.79 20.87
CA LEU B 75 7.69 -10.49 20.00
C LEU B 75 7.36 -10.51 18.50
N HIS B 76 8.15 -9.80 17.73
CA HIS B 76 8.10 -9.82 16.28
C HIS B 76 9.20 -10.73 15.68
N ARG B 77 10.44 -10.54 16.15
CA ARG B 77 11.58 -11.34 15.65
C ARG B 77 12.53 -11.66 16.77
N VAL B 78 13.19 -12.81 16.66
CA VAL B 78 14.22 -13.22 17.59
C VAL B 78 15.49 -13.37 16.72
N ILE B 79 16.46 -12.50 17.01
CA ILE B 79 17.69 -12.37 16.20
C ILE B 79 18.91 -12.67 17.08
N ILE B 80 19.76 -13.62 16.67
CA ILE B 80 21.03 -13.85 17.40
C ILE B 80 21.95 -12.65 17.13
N GLU B 81 22.43 -11.96 18.17
CA GLU B 81 23.24 -10.75 17.87
C GLU B 81 24.68 -11.14 17.45
N ILE B 82 25.14 -10.60 16.32
CA ILE B 82 26.57 -10.66 15.98
C ILE B 82 27.25 -9.39 16.49
N ALA B 83 26.61 -8.24 16.29
CA ALA B 83 27.17 -6.96 16.76
C ALA B 83 26.11 -5.86 16.75
N SER B 84 26.08 -5.05 17.82
CA SER B 84 25.38 -3.76 17.82
C SER B 84 26.36 -2.66 18.19
N GLU B 85 26.34 -1.57 17.44
CA GLU B 85 27.33 -0.49 17.62
C GLU B 85 26.70 0.82 17.22
N LYS B 86 27.01 1.87 17.97
CA LYS B 86 26.68 3.23 17.55
C LYS B 86 27.72 3.74 16.54
N PHE B 87 27.26 4.08 15.34
CA PHE B 87 28.07 4.73 14.32
C PHE B 87 27.90 6.27 14.37
N ASN B 88 28.45 6.90 15.39
CA ASN B 88 28.28 8.35 15.59
C ASN B 88 28.38 9.15 14.29
N GLY B 89 27.40 10.02 14.05
CA GLY B 89 27.37 10.86 12.88
C GLY B 89 27.14 10.20 11.53
N ILE B 90 26.77 8.92 11.52
CA ILE B 90 26.52 8.21 10.26
C ILE B 90 25.36 8.81 9.44
N GLU B 91 24.37 9.36 10.14
CA GLU B 91 23.26 10.04 9.47
C GLU B 91 23.75 11.20 8.59
N LYS B 92 24.74 11.94 9.11
CA LYS B 92 25.31 13.09 8.41
C LYS B 92 26.28 12.71 7.26
N ASP B 93 26.92 11.55 7.35
CA ASP B 93 27.87 11.09 6.33
C ASP B 93 27.28 11.05 4.92
N GLU B 94 28.08 11.45 3.95
CA GLU B 94 27.70 11.33 2.54
C GLU B 94 27.73 9.82 2.16
N SER B 95 26.99 9.46 1.11
CA SER B 95 26.84 8.06 0.71
C SER B 95 28.09 7.24 0.95
N GLU B 96 29.12 7.53 0.15
CA GLU B 96 30.33 6.72 0.08
C GLU B 96 31.02 6.41 1.37
N GLU B 97 31.07 7.41 2.26
CA GLU B 97 31.71 7.27 3.57
C GLU B 97 30.89 6.35 4.48
N ALA B 98 29.58 6.59 4.55
CA ALA B 98 28.68 5.77 5.37
C ALA B 98 28.78 4.26 5.06
N LEU B 99 28.76 3.94 3.77
CA LEU B 99 28.86 2.57 3.28
C LEU B 99 30.20 1.92 3.57
N LYS B 100 31.27 2.69 3.43
CA LYS B 100 32.60 2.21 3.82
C LYS B 100 32.68 1.93 5.33
N ARG B 101 32.02 2.76 6.14
CA ARG B 101 32.04 2.55 7.61
C ARG B 101 31.37 1.19 7.94
N ILE B 102 30.26 0.95 7.26
CA ILE B 102 29.49 -0.26 7.44
C ILE B 102 30.28 -1.45 6.93
N LYS B 103 30.77 -1.34 5.69
CA LYS B 103 31.53 -2.43 5.09
C LYS B 103 32.73 -2.83 5.94
N ASP B 104 33.44 -1.83 6.46
CA ASP B 104 34.66 -2.05 7.22
C ASP B 104 34.34 -2.72 8.57
N PHE B 105 33.22 -2.32 9.15
CA PHE B 105 32.82 -2.91 10.41
C PHE B 105 32.42 -4.37 10.21
N VAL B 106 31.65 -4.63 9.16
CA VAL B 106 31.12 -5.96 8.94
C VAL B 106 32.25 -6.92 8.56
N SER B 107 33.25 -6.38 7.85
CA SER B 107 34.40 -7.16 7.40
C SER B 107 35.18 -7.68 8.56
N SER B 108 35.11 -6.95 9.67
CA SER B 108 35.84 -7.30 10.87
C SER B 108 35.13 -8.36 11.74
N LEU B 109 33.89 -8.72 11.40
CA LEU B 109 33.07 -9.55 12.31
C LEU B 109 33.22 -11.02 11.93
N PRO B 110 33.26 -11.92 12.93
CA PRO B 110 33.53 -13.32 12.59
C PRO B 110 32.30 -14.07 12.07
N VAL B 111 31.79 -13.65 10.92
CA VAL B 111 30.52 -14.16 10.39
C VAL B 111 30.59 -15.63 10.05
N GLU B 112 31.81 -16.14 9.89
CA GLU B 112 32.04 -17.53 9.51
C GLU B 112 31.81 -18.45 10.70
N GLN B 113 31.56 -17.86 11.86
CA GLN B 113 31.18 -18.62 13.05
C GLN B 113 29.67 -18.68 13.27
N PHE B 114 28.89 -18.25 12.29
CA PHE B 114 27.44 -18.13 12.46
C PHE B 114 26.72 -18.80 11.30
N VAL B 115 27.48 -19.25 10.33
CA VAL B 115 26.93 -19.98 9.23
C VAL B 115 27.94 -21.06 8.89
N LYS B 116 27.44 -22.23 8.55
CA LYS B 116 28.29 -23.27 8.00
C LYS B 116 28.36 -22.93 6.52
N VAL B 117 29.58 -22.62 6.07
CA VAL B 117 29.79 -22.02 4.75
C VAL B 117 29.40 -23.01 3.61
N SER B 118 28.72 -24.11 3.97
CA SER B 118 27.97 -24.91 2.99
C SER B 118 26.45 -24.66 3.06
N GLU B 119 26.04 -23.54 3.66
CA GLU B 119 24.64 -23.14 3.72
C GLU B 119 24.48 -21.89 2.87
N THR B 120 23.35 -21.77 2.20
CA THR B 120 23.06 -20.54 1.49
C THR B 120 22.73 -19.44 2.50
N PHE B 121 22.93 -18.19 2.10
CA PHE B 121 22.61 -17.04 2.95
C PHE B 121 22.04 -15.88 2.13
N ALA B 122 21.26 -15.03 2.77
CA ALA B 122 20.91 -13.76 2.19
C ALA B 122 21.00 -12.72 3.29
N VAL B 123 20.92 -11.46 2.90
CA VAL B 123 20.94 -10.34 3.83
C VAL B 123 19.60 -9.63 3.73
N ARG B 124 18.91 -9.46 4.85
CA ARG B 124 17.73 -8.58 4.87
C ARG B 124 18.08 -7.34 5.64
N SER B 125 17.62 -6.19 5.16
CA SER B 125 17.98 -4.96 5.81
C SER B 125 16.74 -4.15 6.20
N PHE B 126 16.85 -3.41 7.29
CA PHE B 126 15.86 -2.44 7.71
C PHE B 126 16.60 -1.13 8.00
N ARG B 127 16.08 0.00 7.48
CA ARG B 127 16.63 1.30 7.89
C ARG B 127 15.60 2.36 8.20
N LYS B 128 15.86 3.13 9.24
CA LYS B 128 14.90 4.13 9.67
C LYS B 128 15.66 5.36 10.12
N GLY B 129 15.24 6.51 9.61
CA GLY B 129 15.83 7.80 10.01
C GLY B 129 16.35 8.57 8.80
N ASP B 130 17.19 9.56 9.07
CA ASP B 130 17.61 10.53 8.05
CA ASP B 130 17.61 10.52 8.04
C ASP B 130 19.04 10.25 7.55
N HIS B 131 19.22 9.23 6.73
CA HIS B 131 20.55 8.92 6.18
C HIS B 131 20.68 9.46 4.75
N ASN B 132 21.88 9.36 4.17
CA ASN B 132 22.08 9.57 2.73
C ASN B 132 22.26 8.25 2.02
N ILE B 133 21.61 7.21 2.55
CA ILE B 133 21.85 5.83 2.12
C ILE B 133 20.51 5.11 2.17
N THR B 134 20.32 4.14 1.28
CA THR B 134 19.08 3.40 1.20
C THR B 134 19.12 2.03 1.92
N SER B 135 17.93 1.48 2.15
CA SER B 135 17.77 0.11 2.60
C SER B 135 18.56 -0.84 1.73
N ILE B 136 18.49 -0.63 0.41
CA ILE B 136 19.16 -1.52 -0.55
C ILE B 136 20.67 -1.32 -0.60
N ASP B 137 21.12 -0.08 -0.46
CA ASP B 137 22.56 0.19 -0.27
C ASP B 137 23.06 -0.66 0.88
N ILE B 138 22.31 -0.65 1.98
CA ILE B 138 22.76 -1.35 3.17
C ILE B 138 22.84 -2.85 2.95
N ALA B 139 21.79 -3.43 2.37
CA ALA B 139 21.79 -4.88 2.11
C ALA B 139 22.89 -5.29 1.12
N ARG B 140 23.14 -4.45 0.13
CA ARG B 140 24.17 -4.79 -0.87
C ARG B 140 25.57 -4.70 -0.27
N THR B 141 25.86 -3.58 0.40
CA THR B 141 27.15 -3.37 1.06
C THR B 141 27.44 -4.42 2.14
N VAL B 142 26.43 -4.75 2.95
CA VAL B 142 26.59 -5.79 3.97
C VAL B 142 26.77 -7.14 3.30
N GLY B 143 25.98 -7.39 2.26
CA GLY B 143 26.09 -8.63 1.52
C GLY B 143 27.48 -8.78 0.91
N GLU B 144 28.02 -7.71 0.36
CA GLU B 144 29.34 -7.80 -0.27
C GLU B 144 30.44 -8.11 0.74
N ALA B 145 30.36 -7.48 1.91
CA ALA B 145 31.31 -7.73 2.97
C ALA B 145 31.24 -9.16 3.47
N ILE B 146 30.02 -9.69 3.61
CA ILE B 146 29.87 -11.03 4.17
C ILE B 146 30.42 -12.04 3.16
N PHE B 147 30.06 -11.87 1.89
CA PHE B 147 30.50 -12.82 0.88
C PHE B 147 32.02 -12.90 0.77
N GLU B 148 32.67 -11.72 0.68
CA GLU B 148 34.13 -11.56 0.66
C GLU B 148 34.77 -12.23 1.85
N ARG B 149 34.30 -11.90 3.04
CA ARG B 149 34.86 -12.53 4.23
C ARG B 149 34.68 -14.04 4.21
N LEU B 150 33.49 -14.49 3.79
CA LEU B 150 33.18 -15.92 3.84
C LEU B 150 34.02 -16.68 2.84
N SER B 151 34.35 -16.02 1.73
CA SER B 151 35.19 -16.63 0.69
C SER B 151 36.60 -16.96 1.18
N ARG B 152 37.04 -16.32 2.28
CA ARG B 152 38.33 -16.66 2.89
C ARG B 152 38.37 -18.09 3.42
N PHE B 153 37.20 -18.69 3.62
CA PHE B 153 37.10 -19.94 4.37
C PHE B 153 36.56 -21.09 3.54
N GLY B 154 36.01 -20.76 2.37
CA GLY B 154 35.50 -21.78 1.46
C GLY B 154 34.74 -21.17 0.31
N THR B 155 33.68 -21.85 -0.11
CA THR B 155 32.81 -21.30 -1.16
C THR B 155 31.46 -20.94 -0.55
N PRO B 156 31.17 -19.62 -0.45
CA PRO B 156 29.85 -19.18 0.02
C PRO B 156 28.82 -19.22 -1.11
N LEU B 157 27.57 -19.57 -0.79
CA LEU B 157 26.49 -19.53 -1.77
C LEU B 157 25.30 -18.67 -1.35
N VAL B 158 24.91 -17.76 -2.25
CA VAL B 158 23.83 -16.81 -2.02
C VAL B 158 22.53 -17.38 -2.55
N ASN B 159 21.44 -17.19 -1.81
CA ASN B 159 20.08 -17.48 -2.28
C ASN B 159 19.11 -16.41 -1.77
N LEU B 160 18.70 -15.48 -2.63
CA LEU B 160 17.89 -14.36 -2.17
C LEU B 160 16.53 -14.76 -1.64
N ASP B 161 15.90 -15.76 -2.27
CA ASP B 161 14.52 -16.12 -1.94
C ASP B 161 14.39 -17.15 -0.83
N HIS B 162 15.24 -18.17 -0.86
CA HIS B 162 15.16 -19.23 0.14
C HIS B 162 16.54 -19.55 0.73
N PRO B 163 17.15 -18.56 1.40
CA PRO B 163 18.42 -18.80 2.08
C PRO B 163 18.23 -19.73 3.25
N ALA B 164 19.25 -20.52 3.56
CA ALA B 164 19.21 -21.30 4.79
C ALA B 164 19.46 -20.40 6.01
N VAL B 165 20.29 -19.38 5.83
CA VAL B 165 20.60 -18.41 6.91
C VAL B 165 20.31 -16.98 6.46
N ILE B 166 19.53 -16.27 7.28
CA ILE B 166 19.28 -14.84 7.04
C ILE B 166 20.12 -13.99 7.96
N PHE B 167 20.98 -13.17 7.37
CA PHE B 167 21.66 -12.11 8.06
C PHE B 167 20.75 -10.90 8.00
N ARG B 168 20.39 -10.36 9.17
CA ARG B 168 19.59 -9.14 9.21
CA ARG B 168 19.59 -9.15 9.22
C ARG B 168 20.45 -7.97 9.63
N ALA B 169 20.50 -6.94 8.80
CA ALA B 169 21.28 -5.74 9.11
C ALA B 169 20.28 -4.62 9.27
N GLU B 170 20.30 -3.93 10.41
CA GLU B 170 19.40 -2.80 10.65
C GLU B 170 20.26 -1.58 10.91
N LEU B 171 19.87 -0.45 10.32
CA LEU B 171 20.42 0.83 10.68
C LEU B 171 19.28 1.76 11.10
N ILE B 172 19.28 2.20 12.34
CA ILE B 172 18.22 3.06 12.85
C ILE B 172 18.88 4.24 13.55
N LYS B 173 18.71 5.44 12.97
CA LYS B 173 19.50 6.62 13.35
C LYS B 173 21.00 6.32 13.36
N ASP B 174 21.61 6.43 14.53
CA ASP B 174 23.05 6.27 14.64
CA ASP B 174 23.05 6.31 14.74
C ASP B 174 23.44 4.85 15.04
N VAL B 175 22.46 3.94 15.03
CA VAL B 175 22.68 2.57 15.53
C VAL B 175 22.62 1.52 14.44
N PHE B 176 23.69 0.72 14.36
CA PHE B 176 23.81 -0.40 13.40
C PHE B 176 23.77 -1.76 14.12
N PHE B 177 23.08 -2.70 13.51
CA PHE B 177 22.93 -4.03 14.05
C PHE B 177 23.18 -5.10 12.97
N LEU B 178 23.83 -6.18 13.34
CA LEU B 178 23.90 -7.32 12.45
C LEU B 178 23.66 -8.55 13.28
N GLY B 179 22.77 -9.41 12.81
CA GLY B 179 22.55 -10.71 13.47
C GLY B 179 21.89 -11.74 12.58
N ILE B 180 21.58 -12.91 13.15
CA ILE B 180 21.00 -14.00 12.36
C ILE B 180 19.52 -14.03 12.73
N ASP B 181 18.68 -13.75 11.74
CA ASP B 181 17.23 -13.73 11.94
C ASP B 181 16.70 -15.15 12.03
N THR B 182 16.43 -15.60 13.25
CA THR B 182 15.98 -16.97 13.47
C THR B 182 14.48 -17.12 13.17
N THR B 183 13.79 -15.99 13.03
CA THR B 183 12.35 -15.98 12.85
C THR B 183 12.01 -16.10 11.36
N GLY B 184 12.72 -15.32 10.55
CA GLY B 184 12.67 -15.49 9.10
C GLY B 184 11.96 -14.33 8.44
N ASP B 185 11.41 -14.58 7.25
CA ASP B 185 10.80 -13.51 6.49
C ASP B 185 9.41 -13.06 6.98
N SER B 186 8.66 -13.92 7.64
CA SER B 186 7.41 -13.47 8.27
C SER B 186 7.59 -13.28 9.76
N SER B 187 7.36 -12.08 10.26
CA SER B 187 7.40 -11.82 11.69
CA SER B 187 7.42 -11.83 11.69
C SER B 187 6.43 -12.68 12.48
N LEU B 188 6.64 -12.77 13.79
CA LEU B 188 5.82 -13.58 14.63
C LEU B 188 4.41 -13.02 14.65
N HIS B 189 4.24 -11.72 14.41
CA HIS B 189 2.90 -11.13 14.52
C HIS B 189 1.99 -11.57 13.35
N LYS B 190 2.59 -12.16 12.32
CA LYS B 190 1.83 -12.64 11.16
C LYS B 190 1.10 -13.95 11.50
N ARG B 191 -0.10 -13.87 12.04
CA ARG B 191 -0.88 -15.05 12.49
C ARG B 191 -1.53 -15.84 11.33
N PRO B 192 -1.31 -17.16 11.30
CA PRO B 192 -1.89 -18.10 10.31
C PRO B 192 -3.43 -18.10 10.35
N TRP B 193 -4.01 -17.77 11.50
CA TRP B 193 -5.49 -17.69 11.57
C TRP B 193 -6.12 -16.49 10.84
N ARG B 194 -5.32 -15.48 10.51
CA ARG B 194 -5.87 -14.27 10.00
C ARG B 194 -6.21 -14.44 8.50
N VAL B 195 -7.35 -15.07 8.21
CA VAL B 195 -7.76 -15.35 6.85
C VAL B 195 -8.65 -14.25 6.31
N TYR B 196 -9.28 -13.47 7.19
CA TYR B 196 -9.95 -12.26 6.82
C TYR B 196 -9.14 -11.09 7.33
N ASP B 197 -8.73 -10.21 6.40
CA ASP B 197 -7.85 -9.06 6.69
C ASP B 197 -8.67 -7.79 6.83
N HIS B 198 -8.92 -7.34 8.06
CA HIS B 198 -9.66 -6.11 8.25
C HIS B 198 -8.69 -4.96 7.95
N PRO B 199 -9.15 -3.93 7.19
CA PRO B 199 -8.25 -2.87 6.80
C PRO B 199 -7.68 -2.03 7.95
N ALA B 200 -8.30 -2.03 9.12
CA ALA B 200 -7.66 -1.38 10.26
C ALA B 200 -7.51 -2.42 11.38
N HIS B 201 -7.10 -3.65 11.01
CA HIS B 201 -6.87 -4.69 12.06
C HIS B 201 -5.74 -4.32 13.03
N LEU B 202 -5.82 -4.86 14.24
CA LEU B 202 -4.73 -4.70 15.23
C LEU B 202 -3.67 -5.78 15.06
N LYS B 203 -2.40 -5.36 15.00
CA LYS B 203 -1.30 -6.32 15.02
C LYS B 203 -1.38 -7.19 16.27
N ALA B 204 -1.15 -8.49 16.14
CA ALA B 204 -1.50 -9.42 17.21
C ALA B 204 -0.61 -9.23 18.46
N SER B 205 0.58 -8.69 18.27
CA SER B 205 1.48 -8.44 19.37
C SER B 205 0.88 -7.34 20.27
N ILE B 206 0.36 -6.30 19.65
CA ILE B 206 -0.25 -5.19 20.41
C ILE B 206 -1.57 -5.62 21.08
N ALA B 207 -2.30 -6.51 20.43
CA ALA B 207 -3.47 -7.08 21.05
C ALA B 207 -3.11 -7.78 22.38
N ASN B 208 -2.02 -8.53 22.38
CA ASN B 208 -1.59 -9.20 23.58
C ASN B 208 -1.10 -8.24 24.63
N ALA B 209 -0.47 -7.15 24.20
CA ALA B 209 -0.14 -6.06 25.13
C ALA B 209 -1.35 -5.43 25.85
N MET B 210 -2.41 -5.12 25.11
CA MET B 210 -3.70 -4.76 25.71
C MET B 210 -4.20 -5.76 26.73
N ILE B 211 -4.18 -7.06 26.36
CA ILE B 211 -4.62 -8.12 27.25
C ILE B 211 -3.79 -8.09 28.57
N GLU B 212 -2.48 -7.95 28.43
CA GLU B 212 -1.58 -7.96 29.61
C GLU B 212 -1.88 -6.77 30.53
N LEU B 213 -2.06 -5.60 29.91
CA LEU B 213 -2.33 -4.38 30.66
C LEU B 213 -3.67 -4.40 31.36
N ALA B 214 -4.60 -5.21 30.86
CA ALA B 214 -5.92 -5.31 31.54
C ALA B 214 -5.82 -5.98 32.91
N GLU B 215 -4.75 -6.75 33.10
CA GLU B 215 -4.60 -7.58 34.29
C GLU B 215 -5.84 -8.44 34.56
N LEU B 216 -6.12 -9.35 33.63
CA LEU B 216 -7.33 -10.16 33.69
C LEU B 216 -7.32 -11.17 34.84
N ASP B 217 -8.49 -11.48 35.38
CA ASP B 217 -8.53 -12.45 36.49
C ASP B 217 -9.57 -13.56 36.28
N GLY B 218 -9.97 -13.81 35.03
CA GLY B 218 -11.04 -14.78 34.76
C GLY B 218 -12.43 -14.23 34.58
N GLY B 219 -12.63 -12.96 34.92
CA GLY B 219 -13.92 -12.31 34.64
C GLY B 219 -14.17 -12.14 33.15
N SER B 220 -15.41 -11.78 32.82
CA SER B 220 -15.81 -11.68 31.43
C SER B 220 -15.14 -10.50 30.70
N VAL B 221 -14.85 -10.75 29.42
CA VAL B 221 -14.12 -9.81 28.61
C VAL B 221 -14.91 -9.50 27.34
N LEU B 222 -15.19 -8.22 27.14
CA LEU B 222 -15.93 -7.75 25.94
C LEU B 222 -15.04 -6.90 25.03
N ASP B 223 -15.06 -7.15 23.73
CA ASP B 223 -14.59 -6.14 22.80
C ASP B 223 -15.79 -5.66 22.04
N PRO B 224 -16.25 -4.44 22.35
CA PRO B 224 -17.56 -3.96 21.90
C PRO B 224 -17.51 -3.41 20.48
N MET B 225 -16.31 -3.25 19.92
CA MET B 225 -16.11 -2.80 18.55
C MET B 225 -15.05 -3.65 17.88
N CYS B 226 -15.33 -4.95 17.78
CA CYS B 226 -14.30 -5.96 17.68
C CYS B 226 -13.70 -6.21 16.27
N GLY B 227 -14.28 -5.61 15.24
CA GLY B 227 -13.72 -5.82 13.90
C GLY B 227 -13.59 -7.28 13.54
N SER B 228 -12.44 -7.66 13.03
CA SER B 228 -12.14 -9.06 12.73
C SER B 228 -11.71 -9.94 13.91
N GLY B 229 -11.78 -9.40 15.12
CA GLY B 229 -11.85 -10.28 16.30
C GLY B 229 -10.47 -10.57 16.88
N THR B 230 -9.47 -9.83 16.43
CA THR B 230 -8.07 -10.10 16.82
C THR B 230 -7.88 -10.19 18.35
N ILE B 231 -8.44 -9.22 19.10
CA ILE B 231 -8.21 -9.18 20.57
C ILE B 231 -8.80 -10.42 21.23
N LEU B 232 -10.00 -10.80 20.80
CA LEU B 232 -10.70 -11.89 21.41
C LEU B 232 -10.13 -13.24 21.01
N ILE B 233 -9.68 -13.35 19.75
CA ILE B 233 -9.12 -14.61 19.31
C ILE B 233 -7.77 -14.90 19.98
N GLU B 234 -6.94 -13.88 20.07
CA GLU B 234 -5.69 -14.01 20.84
C GLU B 234 -5.97 -14.39 22.29
N LEU B 235 -6.95 -13.74 22.92
CA LEU B 235 -7.36 -14.12 24.28
C LEU B 235 -7.82 -15.60 24.39
N ALA B 236 -8.64 -16.08 23.46
CA ALA B 236 -9.09 -17.45 23.48
C ALA B 236 -7.88 -18.37 23.23
N LEU B 237 -6.93 -17.90 22.43
CA LEU B 237 -5.79 -18.79 22.14
C LEU B 237 -4.86 -18.85 23.35
N ARG B 238 -4.95 -17.85 24.24
CA ARG B 238 -4.31 -17.98 25.55
C ARG B 238 -5.03 -18.95 26.50
N ARG B 239 -6.02 -19.68 26.00
CA ARG B 239 -6.87 -20.54 26.85
C ARG B 239 -7.51 -19.80 28.03
N TYR B 240 -7.92 -18.56 27.80
CA TYR B 240 -8.53 -17.80 28.87
C TYR B 240 -9.70 -18.57 29.46
N SER B 241 -9.81 -18.54 30.78
CA SER B 241 -10.87 -19.27 31.48
C SER B 241 -12.22 -18.57 31.44
N GLY B 242 -12.25 -17.26 31.26
CA GLY B 242 -13.49 -16.50 31.43
C GLY B 242 -14.29 -16.37 30.14
N GLU B 243 -15.51 -15.84 30.24
CA GLU B 243 -16.33 -15.52 29.06
C GLU B 243 -15.63 -14.51 28.15
N ILE B 244 -15.79 -14.67 26.83
CA ILE B 244 -15.26 -13.71 25.85
C ILE B 244 -16.41 -13.37 24.88
N ILE B 245 -16.65 -12.08 24.67
CA ILE B 245 -17.77 -11.57 23.90
C ILE B 245 -17.25 -10.48 22.95
N GLY B 246 -17.65 -10.55 21.68
CA GLY B 246 -17.41 -9.46 20.73
C GLY B 246 -18.69 -8.88 20.13
N ILE B 247 -18.76 -7.55 20.04
CA ILE B 247 -19.80 -6.86 19.33
C ILE B 247 -19.18 -6.08 18.19
N GLU B 248 -19.78 -6.18 16.99
CA GLU B 248 -19.32 -5.45 15.82
C GLU B 248 -20.56 -4.97 15.00
N LYS B 249 -20.49 -3.74 14.53
CA LYS B 249 -21.66 -3.08 13.93
C LYS B 249 -21.92 -3.63 12.53
N TYR B 250 -20.86 -3.83 11.75
CA TYR B 250 -21.05 -4.22 10.36
C TYR B 250 -20.92 -5.73 10.16
N ARG B 251 -21.92 -6.30 9.48
CA ARG B 251 -22.02 -7.73 9.35
C ARG B 251 -20.82 -8.35 8.67
N LYS B 252 -20.29 -7.74 7.62
CA LYS B 252 -19.18 -8.38 6.92
C LYS B 252 -18.00 -8.64 7.87
N HIS B 253 -17.63 -7.60 8.61
CA HIS B 253 -16.48 -7.71 9.55
C HIS B 253 -16.75 -8.82 10.55
N LEU B 254 -17.97 -8.87 11.08
CA LEU B 254 -18.34 -9.84 12.12
C LEU B 254 -18.26 -11.26 11.59
N ILE B 255 -18.70 -11.46 10.35
CA ILE B 255 -18.50 -12.76 9.72
C ILE B 255 -16.99 -13.03 9.55
N GLY B 256 -16.23 -12.03 9.13
CA GLY B 256 -14.78 -12.22 9.02
C GLY B 256 -14.13 -12.62 10.35
N ALA B 257 -14.56 -11.99 11.45
CA ALA B 257 -14.13 -12.37 12.82
C ALA B 257 -14.47 -13.84 13.11
N GLU B 258 -15.72 -14.23 12.84
CA GLU B 258 -16.12 -15.65 12.97
C GLU B 258 -15.25 -16.61 12.18
N MET B 259 -14.94 -16.22 10.95
CA MET B 259 -14.11 -17.05 10.09
C MET B 259 -12.68 -17.10 10.65
N ASN B 260 -12.13 -15.97 11.06
CA ASN B 260 -10.79 -15.96 11.69
C ASN B 260 -10.79 -16.85 12.94
N ALA B 261 -11.82 -16.71 13.76
CA ALA B 261 -11.88 -17.52 14.98
C ALA B 261 -11.97 -19.02 14.64
N LEU B 262 -12.74 -19.34 13.60
CA LEU B 262 -12.81 -20.71 13.11
C LEU B 262 -11.46 -21.27 12.60
N ALA B 263 -10.73 -20.48 11.82
CA ALA B 263 -9.34 -20.83 11.42
C ALA B 263 -8.40 -20.99 12.63
N ALA B 264 -8.68 -20.27 13.72
CA ALA B 264 -7.87 -20.39 14.93
C ALA B 264 -8.26 -21.57 15.82
N GLY B 265 -9.43 -22.16 15.56
CA GLY B 265 -9.97 -23.24 16.40
C GLY B 265 -10.63 -22.76 17.69
N VAL B 266 -11.09 -21.51 17.72
CA VAL B 266 -11.69 -20.98 18.94
C VAL B 266 -13.04 -20.37 18.75
N LEU B 267 -13.72 -20.67 17.65
CA LEU B 267 -14.99 -19.99 17.40
C LEU B 267 -15.99 -20.37 18.51
N ASP B 268 -15.86 -21.54 19.07
CA ASP B 268 -16.85 -21.93 20.06
C ASP B 268 -16.62 -21.24 21.42
N LYS B 269 -15.45 -20.63 21.59
CA LYS B 269 -15.07 -19.96 22.85
C LYS B 269 -15.52 -18.50 22.94
N ILE B 270 -15.99 -17.94 21.83
CA ILE B 270 -16.25 -16.52 21.78
C ILE B 270 -17.70 -16.31 21.38
N LYS B 271 -18.37 -15.42 22.08
CA LYS B 271 -19.70 -15.03 21.67
C LYS B 271 -19.66 -13.78 20.78
N PHE B 272 -20.01 -13.94 19.50
CA PHE B 272 -20.01 -12.84 18.54
C PHE B 272 -21.40 -12.32 18.28
N ILE B 273 -21.57 -11.00 18.34
CA ILE B 273 -22.90 -10.38 18.28
C ILE B 273 -22.82 -9.20 17.32
N GLN B 274 -23.77 -9.09 16.38
CA GLN B 274 -23.77 -7.92 15.52
C GLN B 274 -24.54 -6.85 16.23
N GLY B 275 -23.99 -5.65 16.35
CA GLY B 275 -24.60 -4.69 17.26
C GLY B 275 -23.91 -3.36 17.24
N ASP B 276 -24.58 -2.41 17.89
CA ASP B 276 -24.10 -1.04 17.98
C ASP B 276 -23.67 -0.71 19.42
N ALA B 277 -22.39 -0.37 19.56
CA ALA B 277 -21.80 -0.16 20.88
C ALA B 277 -22.33 1.13 21.55
N THR B 278 -22.86 2.06 20.76
CA THR B 278 -23.59 3.18 21.38
C THR B 278 -24.88 2.74 22.07
N GLN B 279 -25.27 1.47 21.92
CA GLN B 279 -26.42 0.95 22.65
C GLN B 279 -26.04 -0.28 23.46
N LEU B 280 -24.81 -0.26 23.96
CA LEU B 280 -24.22 -1.42 24.62
C LEU B 280 -25.11 -2.09 25.69
N SER B 281 -25.77 -1.30 26.53
CA SER B 281 -26.59 -1.86 27.64
C SER B 281 -27.77 -2.68 27.16
N GLN B 282 -28.14 -2.53 25.90
CA GLN B 282 -29.11 -3.44 25.28
C GLN B 282 -28.56 -4.86 25.05
N TYR B 283 -27.24 -5.01 24.87
CA TYR B 283 -26.69 -6.34 24.55
C TYR B 283 -26.13 -7.06 25.74
N VAL B 284 -25.67 -6.31 26.75
CA VAL B 284 -25.16 -6.90 27.98
C VAL B 284 -25.59 -6.09 29.21
N ASP B 285 -25.71 -6.72 30.37
CA ASP B 285 -26.04 -6.04 31.63
CA ASP B 285 -25.99 -5.92 31.56
C ASP B 285 -24.80 -5.71 32.47
N SER B 286 -23.77 -6.54 32.32
CA SER B 286 -22.59 -6.45 33.18
C SER B 286 -21.42 -7.17 32.50
N VAL B 287 -20.27 -6.51 32.39
CA VAL B 287 -19.04 -7.19 31.97
C VAL B 287 -17.87 -6.74 32.83
N ASP B 288 -16.95 -7.66 33.10
CA ASP B 288 -15.85 -7.30 33.97
C ASP B 288 -14.83 -6.40 33.30
N PHE B 289 -14.56 -6.69 32.02
CA PHE B 289 -13.50 -6.02 31.31
C PHE B 289 -14.00 -5.63 29.90
N ALA B 290 -13.51 -4.50 29.40
CA ALA B 290 -13.66 -4.14 27.96
C ALA B 290 -12.31 -3.82 27.34
N ILE B 291 -12.02 -4.40 26.18
CA ILE B 291 -10.71 -4.22 25.54
C ILE B 291 -11.02 -4.00 24.06
N SER B 292 -10.64 -2.85 23.51
CA SER B 292 -11.06 -2.53 22.15
C SER B 292 -10.10 -1.58 21.45
N ASN B 293 -9.89 -1.83 20.17
CA ASN B 293 -9.13 -0.94 19.28
C ASN B 293 -10.16 -0.05 18.51
N LEU B 294 -10.37 1.15 19.02
CA LEU B 294 -11.52 1.98 18.61
C LEU B 294 -11.30 2.55 17.20
N PRO B 295 -12.40 2.83 16.49
CA PRO B 295 -12.29 3.45 15.17
C PRO B 295 -11.57 4.79 15.29
N TYR B 296 -10.59 5.02 14.42
CA TYR B 296 -9.77 6.23 14.48
C TYR B 296 -10.41 7.36 13.68
N GLY B 297 -11.35 7.02 12.79
CA GLY B 297 -12.10 8.02 12.02
C GLY B 297 -11.35 8.59 10.82
N SER B 304 -16.23 15.37 13.59
CA SER B 304 -17.26 15.35 14.63
C SER B 304 -17.97 13.98 14.76
N MET B 305 -17.72 13.10 13.79
CA MET B 305 -18.24 11.73 13.81
C MET B 305 -17.64 10.97 15.09
N ILE B 306 -16.34 11.03 15.27
CA ILE B 306 -15.67 10.31 16.37
C ILE B 306 -16.00 10.82 17.78
N PRO B 307 -16.03 12.17 17.98
CA PRO B 307 -16.20 12.59 19.35
C PRO B 307 -17.55 12.19 19.84
N ASP B 308 -18.53 12.18 18.96
CA ASP B 308 -19.85 11.82 19.37
C ASP B 308 -19.97 10.29 19.54
N LEU B 309 -19.28 9.55 18.68
CA LEU B 309 -19.32 8.08 18.87
C LEU B 309 -18.75 7.73 20.25
N TYR B 310 -17.61 8.31 20.60
CA TYR B 310 -16.92 7.97 21.85
C TYR B 310 -17.77 8.39 23.04
N MET B 311 -18.37 9.58 22.95
CA MET B 311 -19.22 10.09 24.04
C MET B 311 -20.33 9.13 24.41
N LYS B 312 -21.03 8.66 23.38
CA LYS B 312 -22.17 7.79 23.59
C LYS B 312 -21.70 6.39 24.01
N PHE B 313 -20.63 5.91 23.41
CA PHE B 313 -20.12 4.57 23.81
C PHE B 313 -19.68 4.56 25.28
N PHE B 314 -18.91 5.56 25.72
CA PHE B 314 -18.56 5.60 27.11
C PHE B 314 -19.73 5.82 28.08
N ASN B 315 -20.77 6.53 27.66
CA ASN B 315 -21.98 6.61 28.48
C ASN B 315 -22.58 5.22 28.74
N GLU B 316 -22.64 4.41 27.68
CA GLU B 316 -23.17 3.05 27.80
C GLU B 316 -22.21 2.16 28.61
N LEU B 317 -20.91 2.32 28.35
CA LEU B 317 -19.92 1.49 29.04
C LEU B 317 -19.99 1.65 30.55
N ALA B 318 -20.22 2.89 31.00
CA ALA B 318 -20.35 3.18 32.45
C ALA B 318 -21.52 2.47 33.11
N LYS B 319 -22.52 2.11 32.30
CA LYS B 319 -23.65 1.34 32.79
C LYS B 319 -23.32 -0.12 33.04
N VAL B 320 -22.30 -0.68 32.37
CA VAL B 320 -22.09 -2.13 32.38
C VAL B 320 -20.71 -2.63 32.91
N LEU B 321 -19.72 -1.75 32.98
CA LEU B 321 -18.34 -2.16 33.31
C LEU B 321 -18.13 -2.34 34.80
N GLU B 322 -17.54 -3.48 35.20
CA GLU B 322 -17.26 -3.72 36.60
C GLU B 322 -15.83 -3.40 37.00
N LYS B 323 -14.86 -3.71 36.14
CA LYS B 323 -13.45 -3.57 36.54
C LYS B 323 -12.70 -2.58 35.67
N ARG B 324 -12.01 -3.05 34.61
CA ARG B 324 -11.16 -2.17 33.84
C ARG B 324 -11.43 -2.20 32.33
N GLY B 325 -11.17 -1.07 31.67
CA GLY B 325 -11.26 -0.98 30.21
C GLY B 325 -9.89 -0.64 29.66
N VAL B 326 -9.54 -1.26 28.54
CA VAL B 326 -8.27 -0.94 27.83
C VAL B 326 -8.57 -0.58 26.38
N PHE B 327 -8.21 0.64 25.99
CA PHE B 327 -8.63 1.15 24.66
C PHE B 327 -7.45 1.73 23.94
N ILE B 328 -7.41 1.56 22.62
CA ILE B 328 -6.45 2.22 21.80
C ILE B 328 -7.15 3.13 20.77
N THR B 329 -6.61 4.33 20.58
CA THR B 329 -7.12 5.25 19.55
C THR B 329 -6.04 6.26 19.20
N THR B 330 -6.18 6.89 18.04
CA THR B 330 -5.36 8.08 17.71
C THR B 330 -6.01 9.39 18.20
N GLU B 331 -7.30 9.31 18.50
CA GLU B 331 -8.14 10.46 18.86
C GLU B 331 -8.10 10.82 20.33
N LYS B 332 -6.98 11.44 20.73
CA LYS B 332 -6.67 11.70 22.14
C LYS B 332 -7.74 12.56 22.79
N LYS B 333 -8.06 13.66 22.13
CA LYS B 333 -9.01 14.59 22.71
C LYS B 333 -10.41 13.98 22.80
N ALA B 334 -10.81 13.25 21.76
CA ALA B 334 -12.16 12.64 21.75
C ALA B 334 -12.33 11.63 22.88
N ILE B 335 -11.33 10.78 23.06
CA ILE B 335 -11.47 9.77 24.11
C ILE B 335 -11.33 10.42 25.51
N GLU B 336 -10.49 11.44 25.63
CA GLU B 336 -10.29 12.00 26.95
C GLU B 336 -11.53 12.73 27.52
N GLU B 337 -12.23 13.45 26.65
CA GLU B 337 -13.50 14.10 27.02
C GLU B 337 -14.58 13.07 27.35
N ALA B 338 -14.69 12.06 26.49
CA ALA B 338 -15.61 10.92 26.71
C ALA B 338 -15.33 10.28 28.04
N ILE B 339 -14.05 9.99 28.29
CA ILE B 339 -13.66 9.42 29.58
C ILE B 339 -14.11 10.35 30.76
N ALA B 340 -13.79 11.63 30.66
CA ALA B 340 -13.98 12.52 31.83
C ALA B 340 -15.47 12.79 32.07
N GLU B 341 -16.18 13.14 31.01
CA GLU B 341 -17.63 13.39 31.09
C GLU B 341 -18.48 12.18 31.52
N ASN B 342 -17.93 10.95 31.46
CA ASN B 342 -18.72 9.78 31.85
C ASN B 342 -18.31 9.10 33.16
N GLY B 343 -17.46 9.76 33.95
CA GLY B 343 -17.09 9.24 35.27
C GLY B 343 -15.98 8.17 35.32
N PHE B 344 -15.17 8.16 34.28
CA PHE B 344 -14.03 7.24 34.22
C PHE B 344 -12.77 7.93 34.70
N GLU B 345 -11.83 7.13 35.16
CA GLU B 345 -10.52 7.61 35.63
C GLU B 345 -9.45 6.90 34.76
N ILE B 346 -8.46 7.61 34.28
CA ILE B 346 -7.32 6.99 33.58
C ILE B 346 -6.28 6.50 34.57
N ILE B 347 -6.03 5.18 34.62
CA ILE B 347 -5.06 4.61 35.56
C ILE B 347 -3.76 4.14 34.86
N HIS B 348 -3.76 4.21 33.54
CA HIS B 348 -2.52 4.12 32.78
C HIS B 348 -2.70 4.73 31.40
N HIS B 349 -1.65 5.39 30.90
CA HIS B 349 -1.62 5.80 29.49
C HIS B 349 -0.25 5.49 28.90
N ARG B 350 -0.17 5.09 27.63
CA ARG B 350 1.15 5.07 26.96
C ARG B 350 0.97 5.28 25.48
N VAL B 351 2.04 5.57 24.75
CA VAL B 351 1.98 5.66 23.32
C VAL B 351 2.65 4.45 22.65
N ILE B 352 2.00 3.92 21.61
CA ILE B 352 2.49 2.76 20.89
C ILE B 352 2.60 3.04 19.38
N GLY B 353 3.62 2.47 18.75
CA GLY B 353 3.72 2.56 17.30
C GLY B 353 2.95 1.41 16.65
N HIS B 354 1.82 1.74 16.00
CA HIS B 354 1.01 0.72 15.28
C HIS B 354 1.23 0.81 13.78
N GLY B 355 2.07 -0.10 13.28
CA GLY B 355 2.94 0.17 12.14
C GLY B 355 3.60 1.53 12.22
N GLY B 356 3.17 2.44 11.34
CA GLY B 356 3.73 3.78 11.25
C GLY B 356 2.85 4.90 11.80
N LEU B 357 1.82 4.55 12.56
CA LEU B 357 1.04 5.55 13.30
C LEU B 357 1.45 5.54 14.77
N MET B 358 1.32 6.67 15.45
CA MET B 358 1.42 6.67 16.90
C MET B 358 0.00 6.55 17.43
N VAL B 359 -0.26 5.56 18.27
CA VAL B 359 -1.58 5.45 18.91
C VAL B 359 -1.48 5.54 20.43
N HIS B 360 -2.55 6.00 21.04
CA HIS B 360 -2.60 6.12 22.48
C HIS B 360 -3.32 4.91 23.01
N LEU B 361 -2.83 4.40 24.13
CA LEU B 361 -3.46 3.34 24.87
C LEU B 361 -3.84 3.90 26.26
N TYR B 362 -5.06 3.64 26.69
CA TYR B 362 -5.57 4.05 28.01
C TYR B 362 -6.10 2.84 28.73
N VAL B 363 -5.81 2.73 30.03
CA VAL B 363 -6.53 1.79 30.89
C VAL B 363 -7.39 2.68 31.77
N VAL B 364 -8.65 2.33 31.90
CA VAL B 364 -9.62 3.10 32.65
C VAL B 364 -10.41 2.23 33.62
N LYS B 365 -10.98 2.91 34.59
CA LYS B 365 -11.92 2.32 35.50
C LYS B 365 -12.92 3.41 35.84
N LEU B 366 -14.07 3.01 36.40
CA LEU B 366 -15.02 3.99 36.88
C LEU B 366 -14.47 4.63 38.14
N GLU B 367 -14.47 5.95 38.15
CA GLU B 367 -13.99 6.74 39.27
C GLU B 367 -14.59 6.32 40.61
N HIS B 368 -15.90 6.06 40.65
CA HIS B 368 -16.55 5.72 41.92
C HIS B 368 -16.29 4.30 42.42
N HIS B 369 -15.67 3.46 41.59
CA HIS B 369 -15.26 2.12 42.06
C HIS B 369 -14.02 2.18 42.94
N HIS B 370 -14.05 1.38 44.03
CA HIS B 370 -13.39 1.72 45.30
C HIS B 370 -12.33 0.68 45.71
N SAM C . -13.01 13.18 -8.60
CA SAM C . -12.61 13.82 -7.31
C SAM C . -11.11 14.01 -7.19
O SAM C . -10.35 13.63 -8.12
OXT SAM C . -10.61 14.44 -6.13
CB SAM C . -13.00 12.81 -6.22
CG SAM C . -14.48 12.89 -5.86
SD SAM C . -14.94 11.61 -4.65
CE SAM C . -15.02 10.02 -5.51
C5' SAM C . -16.64 11.99 -4.28
C4' SAM C . -16.78 13.27 -3.48
O4' SAM C . -18.13 13.54 -3.28
C3' SAM C . -16.11 13.27 -2.09
O3' SAM C . -15.15 14.33 -2.12
C2' SAM C . -17.29 13.55 -1.14
O2' SAM C . -17.03 14.35 0.00
C1' SAM C . -18.25 14.26 -2.08
N9 SAM C . -19.64 14.21 -1.60
C8 SAM C . -20.28 13.17 -0.92
N7 SAM C . -21.56 13.55 -0.71
C5 SAM C . -21.74 14.80 -1.17
C6 SAM C . -22.83 15.66 -1.25
N6 SAM C . -24.03 15.37 -0.74
N1 SAM C . -22.65 16.90 -1.79
C2 SAM C . -21.47 17.26 -2.40
N3 SAM C . -20.40 16.41 -2.32
C4 SAM C . -20.54 15.20 -1.76
N SAM D . -9.22 -4.53 16.41
CA SAM D . -10.05 -4.98 15.27
C SAM D . -9.32 -6.06 14.45
O SAM D . -9.87 -6.48 13.42
OXT SAM D . -8.20 -6.48 14.82
CB SAM D . -10.27 -3.77 14.39
CG SAM D . -11.24 -2.84 15.10
SD SAM D . -11.58 -1.40 14.03
CE SAM D . -10.20 -0.23 14.19
C5' SAM D . -12.95 -0.57 14.86
C4' SAM D . -14.26 -1.33 14.57
O4' SAM D . -15.35 -0.70 15.22
C3' SAM D . -14.64 -1.46 13.08
O3' SAM D . -14.83 -2.84 12.73
C2' SAM D . -15.98 -0.72 12.97
O2' SAM D . -16.92 -1.30 12.06
C1' SAM D . -16.49 -0.85 14.39
N9 SAM D . -17.52 0.12 14.78
C8 SAM D . -17.66 1.44 14.38
N7 SAM D . -18.74 1.93 15.00
C5 SAM D . -19.30 0.97 15.79
C6 SAM D . -20.38 0.93 16.67
N6 SAM D . -21.20 1.96 16.89
N1 SAM D . -20.66 -0.22 17.35
C2 SAM D . -19.88 -1.35 17.17
N3 SAM D . -18.81 -1.31 16.30
C4 SAM D . -18.54 -0.18 15.62
#